data_9HED
#
_entry.id   9HED
#
_cell.length_a   271.393
_cell.length_b   74.362
_cell.length_c   105.603
_cell.angle_alpha   90.00
_cell.angle_beta   111.62
_cell.angle_gamma   90.00
#
_symmetry.space_group_name_H-M   'C 1 2 1'
#
loop_
_entity.id
_entity.type
_entity.pdbx_description
1 polymer 'Heme-thiolate peroxidase'
2 branched alpha-D-mannopyranose-(1-3)-[alpha-D-mannopyranose-(1-6)]beta-D-mannopyranose-(1-4)-2-acetamido-2-deoxy-beta-D-glucopyranose-(1-4)-2-acetamido-2-deoxy-beta-D-glucopyranose
3 branched alpha-D-mannopyranose-(1-3)-[alpha-D-mannopyranose-(1-6)]alpha-D-mannopyranose-(1-6)-[alpha-D-mannopyranose-(1-3)]beta-D-mannopyranose-(1-4)-2-acetamido-2-deoxy-beta-D-glucopyranose-(1-4)-2-acetamido-2-deoxy-beta-D-glucopyranose
4 branched alpha-D-mannopyranose-(1-3)-alpha-D-mannopyranose-(1-6)-[alpha-D-mannopyranose-(1-3)]beta-D-mannopyranose-(1-4)-2-acetamido-2-deoxy-beta-D-glucopyranose-(1-4)-2-acetamido-2-deoxy-beta-D-glucopyranose
5 branched alpha-D-mannopyranose-(1-3)-beta-D-mannopyranose-(1-4)-2-acetamido-2-deoxy-beta-D-glucopyranose-(1-4)-2-acetamido-2-deoxy-beta-D-glucopyranose
6 branched beta-D-mannopyranose-(1-4)-2-acetamido-2-deoxy-beta-D-glucopyranose-(1-4)-2-acetamido-2-deoxy-beta-D-glucopyranose
7 non-polymer 'PROTOPORPHYRIN IX CONTAINING FE'
8 non-polymer '4-(2-HYDROXYETHYL)-1-PIPERAZINE ETHANESULFONIC ACID'
9 non-polymer GLYCEROL
10 non-polymer alpha-damascone
11 non-polymer 'MAGNESIUM ION'
12 non-polymer 'SULFATE ION'
13 water water
#
_entity_poly.entity_id   1
_entity_poly.type   'polypeptide(L)'
_entity_poly.pdbx_seq_one_letter_code
;QGVDPPPPPGPPSFTGTKLVNDADHPWQPLREGDIRGPCPGLNTLASHGYLPRDGVATPAQIITATQEGFNFENNAAIVA
TYLGHLLNGNLVTDLLSIGGATPKTGPPPPPPAHAGGLNVHGTFEGDAGMTRADEFFGDNHSFNQTLFDKFVDFSNRYGG
GFYNLTVAGELRYSRIQDSIATNPEFQFKNVRFITAYGETVFPINLFVDGRVTTDRKLSMEDAASIFRDMRFPDDFHRSA
VPASNEGADQVLAAHPWVPGGNADNQVNNYVEDPDSADFTHLCRLYEFVVGSVQELYPNPTGILRRNLIKNLHYWWTGVN
VAFGGCDELFPYGQL
;
_entity_poly.pdbx_strand_id   A,B,C
#
loop_
_chem_comp.id
_chem_comp.type
_chem_comp.name
_chem_comp.formula
A1IUA non-polymer alpha-damascone 'C13 H20 O'
BMA D-saccharide, beta linking beta-D-mannopyranose 'C6 H12 O6'
EPE non-polymer '4-(2-HYDROXYETHYL)-1-PIPERAZINE ETHANESULFONIC ACID' 'C8 H18 N2 O4 S'
GOL non-polymer GLYCEROL 'C3 H8 O3'
HEM non-polymer 'PROTOPORPHYRIN IX CONTAINING FE' 'C34 H32 Fe N4 O4'
MAN D-saccharide, alpha linking alpha-D-mannopyranose 'C6 H12 O6'
MG non-polymer 'MAGNESIUM ION' 'Mg 2'
NAG D-saccharide, beta linking 2-acetamido-2-deoxy-beta-D-glucopyranose 'C8 H15 N O6'
SO4 non-polymer 'SULFATE ION' 'O4 S -2'
#
# COMPACT_ATOMS: atom_id res chain seq x y z
N GLN A 1 20.83 41.86 18.41
CA GLN A 1 20.24 42.40 19.68
C GLN A 1 18.71 42.34 19.71
N GLY A 2 18.03 42.21 18.55
CA GLY A 2 16.62 41.81 18.50
C GLY A 2 15.81 42.54 17.44
N VAL A 3 14.51 42.23 17.40
CA VAL A 3 13.58 42.67 16.38
C VAL A 3 12.44 43.42 17.07
N ASP A 4 11.84 44.36 16.32
CA ASP A 4 10.62 45.03 16.76
C ASP A 4 9.41 44.36 16.09
N PRO A 5 8.58 43.55 16.80
CA PRO A 5 7.59 42.67 16.15
C PRO A 5 6.35 43.37 15.62
N PRO A 6 6.01 43.23 14.32
CA PRO A 6 4.89 43.96 13.74
C PRO A 6 3.56 43.35 14.21
N PRO A 7 2.46 44.13 14.21
CA PRO A 7 1.14 43.58 14.50
C PRO A 7 0.76 42.53 13.46
N PRO A 8 -0.15 41.60 13.81
CA PRO A 8 -0.48 40.49 12.91
C PRO A 8 -1.13 40.99 11.63
N PRO A 9 -0.90 40.32 10.49
CA PRO A 9 -1.65 40.61 9.27
C PRO A 9 -3.14 40.46 9.59
N GLY A 10 -3.94 41.23 8.85
CA GLY A 10 -5.38 41.07 8.83
C GLY A 10 -5.79 39.98 7.82
N PRO A 11 -7.11 39.79 7.58
CA PRO A 11 -7.60 38.78 6.65
C PRO A 11 -7.03 38.99 5.26
N PRO A 12 -6.92 37.94 4.41
CA PRO A 12 -6.45 38.16 3.05
C PRO A 12 -7.46 39.01 2.27
N SER A 13 -6.92 39.81 1.34
CA SER A 13 -7.73 40.63 0.46
CA SER A 13 -7.74 40.63 0.47
C SER A 13 -8.74 39.76 -0.30
N PHE A 14 -8.26 38.63 -0.82
CA PHE A 14 -9.09 37.66 -1.52
C PHE A 14 -9.34 36.43 -0.64
N THR A 15 -10.62 36.09 -0.42
CA THR A 15 -10.97 35.02 0.51
C THR A 15 -11.70 33.89 -0.20
N GLY A 16 -11.63 33.83 -1.53
CA GLY A 16 -12.25 32.73 -2.25
C GLY A 16 -11.33 31.52 -2.38
N THR A 17 -11.79 30.50 -3.10
CA THR A 17 -10.97 29.34 -3.39
C THR A 17 -9.92 29.72 -4.43
N LYS A 18 -8.83 28.95 -4.42
CA LYS A 18 -7.79 29.09 -5.41
C LYS A 18 -6.90 27.85 -5.34
N LEU A 19 -6.12 27.65 -6.39
CA LEU A 19 -5.12 26.61 -6.43
C LEU A 19 -3.99 27.01 -5.50
N VAL A 20 -3.67 26.13 -4.53
CA VAL A 20 -2.60 26.43 -3.59
C VAL A 20 -1.43 25.50 -3.86
N ASN A 21 -1.68 24.33 -4.43
CA ASN A 21 -0.61 23.46 -4.87
C ASN A 21 -0.21 23.83 -6.30
N ASP A 22 0.59 24.88 -6.44
CA ASP A 22 0.83 25.52 -7.73
C ASP A 22 2.33 25.48 -8.00
N ALA A 23 2.71 26.01 -9.15
CA ALA A 23 4.07 25.87 -9.66
C ALA A 23 5.06 26.60 -8.74
N ASP A 24 4.62 27.69 -8.13
CA ASP A 24 5.50 28.48 -7.28
C ASP A 24 5.66 27.84 -5.89
N HIS A 25 4.82 26.85 -5.53
CA HIS A 25 4.84 26.23 -4.22
C HIS A 25 5.00 24.72 -4.33
N PRO A 26 6.08 24.22 -4.96
CA PRO A 26 6.25 22.78 -5.15
C PRO A 26 6.61 22.08 -3.84
N TRP A 27 6.11 20.86 -3.66
CA TRP A 27 6.61 20.02 -2.60
C TRP A 27 8.10 19.77 -2.84
N GLN A 28 8.90 19.84 -1.77
CA GLN A 28 10.29 19.48 -1.83
C GLN A 28 10.64 18.64 -0.61
N PRO A 29 11.62 17.71 -0.74
CA PRO A 29 12.05 16.90 0.39
C PRO A 29 12.83 17.74 1.38
N LEU A 30 12.90 17.24 2.62
CA LEU A 30 13.63 17.88 3.69
C LEU A 30 15.11 17.94 3.35
N ARG A 31 15.77 19.05 3.68
CA ARG A 31 17.22 19.14 3.71
C ARG A 31 17.72 19.04 5.15
N GLU A 32 19.03 18.89 5.31
CA GLU A 32 19.67 18.89 6.62
C GLU A 32 19.27 20.17 7.36
N GLY A 33 18.80 20.02 8.61
CA GLY A 33 18.43 21.15 9.46
C GLY A 33 16.96 21.58 9.34
N ASP A 34 16.22 21.04 8.37
CA ASP A 34 14.83 21.42 8.20
C ASP A 34 14.02 20.87 9.36
N ILE A 35 13.09 21.67 9.87
CA ILE A 35 12.34 21.29 11.06
C ILE A 35 10.90 20.99 10.67
N ARG A 36 10.36 19.89 11.21
CA ARG A 36 8.94 19.59 11.11
C ARG A 36 8.49 19.12 12.48
N GLY A 37 7.18 19.10 12.71
CA GLY A 37 6.66 18.93 14.04
C GLY A 37 5.29 18.29 14.07
N PRO A 38 4.49 18.54 15.13
CA PRO A 38 3.22 17.86 15.30
C PRO A 38 2.04 18.40 14.49
N CYS A 39 2.21 19.56 13.83
CA CYS A 39 1.12 20.14 13.05
C CYS A 39 1.23 19.81 11.57
N PRO A 40 0.28 19.03 11.01
CA PRO A 40 0.30 18.70 9.58
C PRO A 40 0.05 19.89 8.67
N GLY A 41 -0.72 20.86 9.15
CA GLY A 41 -0.95 22.10 8.42
C GLY A 41 0.35 22.86 8.17
N LEU A 42 1.05 23.20 9.25
CA LEU A 42 2.28 23.97 9.16
C LEU A 42 3.34 23.14 8.43
N ASN A 43 3.36 21.83 8.68
CA ASN A 43 4.32 20.96 8.01
C ASN A 43 4.16 21.03 6.50
N THR A 44 2.91 20.97 6.04
CA THR A 44 2.63 20.99 4.62
C THR A 44 3.00 22.36 4.04
N LEU A 45 2.68 23.45 4.73
CA LEU A 45 3.01 24.78 4.26
C LEU A 45 4.53 24.94 4.17
N ALA A 46 5.28 24.37 5.11
CA ALA A 46 6.73 24.46 5.03
C ALA A 46 7.24 23.62 3.86
N SER A 47 6.70 22.42 3.65
CA SER A 47 7.23 21.55 2.61
C SER A 47 6.81 22.00 1.20
N HIS A 48 5.87 22.95 1.09
CA HIS A 48 5.54 23.59 -0.17
C HIS A 48 6.02 25.03 -0.28
N GLY A 49 6.78 25.52 0.71
CA GLY A 49 7.35 26.85 0.59
C GLY A 49 6.38 28.00 0.86
N TYR A 50 5.22 27.75 1.45
CA TYR A 50 4.38 28.82 1.96
C TYR A 50 5.00 29.42 3.23
N LEU A 51 5.64 28.58 4.04
CA LEU A 51 6.52 29.00 5.12
C LEU A 51 7.95 28.77 4.66
N PRO A 52 8.95 29.39 5.30
CA PRO A 52 10.33 28.96 5.12
C PRO A 52 10.47 27.44 5.23
N ARG A 53 11.19 26.82 4.28
CA ARG A 53 11.25 25.38 4.18
C ARG A 53 11.99 24.74 5.35
N ASP A 54 12.72 25.55 6.09
CA ASP A 54 13.45 25.08 7.26
C ASP A 54 12.55 24.98 8.47
N GLY A 55 11.31 25.45 8.39
CA GLY A 55 10.34 25.19 9.44
C GLY A 55 10.45 26.15 10.61
N VAL A 56 11.14 27.27 10.40
CA VAL A 56 11.25 28.32 11.39
C VAL A 56 10.73 29.60 10.74
N ALA A 57 9.79 30.24 11.40
CA ALA A 57 9.13 31.40 10.83
C ALA A 57 8.72 32.44 11.87
N THR A 58 8.41 33.65 11.40
CA THR A 58 7.86 34.69 12.24
C THR A 58 6.38 34.40 12.43
N PRO A 59 5.76 34.89 13.52
CA PRO A 59 4.30 34.83 13.67
C PRO A 59 3.57 35.36 12.44
N ALA A 60 4.03 36.51 11.93
CA ALA A 60 3.39 37.11 10.76
C ALA A 60 3.45 36.16 9.57
N GLN A 61 4.59 35.50 9.36
CA GLN A 61 4.69 34.59 8.22
C GLN A 61 3.76 33.40 8.42
N ILE A 62 3.61 32.92 9.64
CA ILE A 62 2.75 31.78 9.92
C ILE A 62 1.30 32.17 9.63
N ILE A 63 0.91 33.36 10.07
CA ILE A 63 -0.46 33.79 9.88
C ILE A 63 -0.75 33.91 8.39
N THR A 64 0.12 34.56 7.63
CA THR A 64 -0.15 34.78 6.22
CA THR A 64 -0.13 34.78 6.21
C THR A 64 -0.15 33.44 5.50
N ALA A 65 0.73 32.50 5.88
CA ALA A 65 0.80 31.18 5.26
C ALA A 65 -0.45 30.35 5.52
N THR A 66 -0.98 30.36 6.76
CA THR A 66 -2.17 29.57 7.04
C THR A 66 -3.36 30.14 6.28
N GLN A 67 -3.39 31.46 6.08
CA GLN A 67 -4.44 32.11 5.31
C GLN A 67 -4.27 31.82 3.83
N GLU A 68 -3.08 32.02 3.27
CA GLU A 68 -2.85 31.83 1.84
C GLU A 68 -3.09 30.38 1.48
N GLY A 69 -2.55 29.46 2.27
CA GLY A 69 -2.50 28.06 1.89
C GLY A 69 -3.82 27.34 2.13
N PHE A 70 -4.55 27.73 3.19
CA PHE A 70 -5.68 26.93 3.65
C PHE A 70 -6.93 27.77 3.91
N ASN A 71 -6.81 29.09 3.79
CA ASN A 71 -7.88 30.01 4.16
C ASN A 71 -8.24 29.85 5.63
N PHE A 72 -7.25 29.63 6.49
CA PHE A 72 -7.51 29.63 7.92
C PHE A 72 -8.01 31.02 8.30
N GLU A 73 -9.09 31.07 9.08
CA GLU A 73 -9.65 32.35 9.47
C GLU A 73 -8.64 33.16 10.31
N ASN A 74 -8.64 34.47 10.08
CA ASN A 74 -7.66 35.40 10.64
C ASN A 74 -7.54 35.32 12.16
N ASN A 75 -8.66 35.41 12.87
CA ASN A 75 -8.64 35.42 14.32
C ASN A 75 -8.15 34.08 14.85
N ALA A 76 -8.56 32.99 14.20
CA ALA A 76 -8.15 31.67 14.59
C ALA A 76 -6.63 31.56 14.44
N ALA A 77 -6.12 32.13 13.35
CA ALA A 77 -4.69 32.12 13.05
C ALA A 77 -3.93 32.91 14.11
N ILE A 78 -4.53 34.02 14.56
CA ILE A 78 -3.91 34.89 15.55
C ILE A 78 -3.89 34.17 16.90
N VAL A 79 -5.00 33.55 17.30
CA VAL A 79 -5.07 32.84 18.55
C VAL A 79 -4.05 31.72 18.60
N ALA A 80 -3.99 30.90 17.54
CA ALA A 80 -3.09 29.75 17.53
C ALA A 80 -1.65 30.20 17.45
N THR A 81 -1.37 31.23 16.64
CA THR A 81 0.02 31.55 16.33
C THR A 81 0.71 32.14 17.57
N TYR A 82 0.05 33.10 18.23
CA TYR A 82 0.68 33.81 19.33
C TYR A 82 0.66 32.95 20.60
N LEU A 83 -0.29 32.03 20.71
CA LEU A 83 -0.21 31.01 21.75
C LEU A 83 1.09 30.23 21.57
N GLY A 84 1.29 29.68 20.37
CA GLY A 84 2.48 28.91 20.08
C GLY A 84 3.76 29.73 20.28
N HIS A 85 3.73 31.00 19.89
CA HIS A 85 4.90 31.85 19.97
C HIS A 85 5.22 32.26 21.40
N LEU A 86 4.19 32.65 22.17
CA LEU A 86 4.39 33.06 23.55
C LEU A 86 5.04 31.94 24.35
N LEU A 87 4.56 30.71 24.18
CA LEU A 87 4.99 29.56 24.95
C LEU A 87 6.27 28.94 24.38
N ASN A 88 6.44 28.98 23.07
CA ASN A 88 7.41 28.11 22.41
C ASN A 88 8.36 28.85 21.48
N GLY A 89 8.15 30.16 21.31
CA GLY A 89 8.97 30.91 20.36
C GLY A 89 10.01 31.78 21.04
N ASN A 90 10.92 32.33 20.24
CA ASN A 90 11.90 33.29 20.73
C ASN A 90 11.33 34.68 20.49
N LEU A 91 10.96 35.39 21.55
CA LEU A 91 10.25 36.65 21.43
C LEU A 91 11.20 37.79 21.03
N VAL A 92 12.50 37.60 21.24
CA VAL A 92 13.47 38.63 20.91
C VAL A 92 13.75 38.59 19.41
N THR A 93 14.02 37.40 18.85
CA THR A 93 14.28 37.29 17.43
C THR A 93 12.99 37.22 16.61
N ASP A 94 11.85 36.98 17.27
CA ASP A 94 10.54 36.85 16.63
C ASP A 94 10.46 35.60 15.75
N LEU A 95 11.05 34.48 16.18
CA LEU A 95 11.06 33.26 15.39
C LEU A 95 10.52 32.10 16.20
N LEU A 96 9.70 31.27 15.55
CA LEU A 96 9.09 30.09 16.13
C LEU A 96 9.42 28.87 15.27
N SER A 97 9.97 27.83 15.92
CA SER A 97 10.13 26.53 15.31
C SER A 97 8.82 25.77 15.31
N ILE A 98 8.44 25.21 14.16
CA ILE A 98 7.19 24.48 14.09
C ILE A 98 7.42 23.06 14.60
N GLY A 99 8.66 22.76 14.98
CA GLY A 99 8.99 21.46 15.55
C GLY A 99 9.78 21.57 16.84
N GLY A 100 11.00 21.07 16.82
CA GLY A 100 11.82 21.01 18.02
C GLY A 100 12.86 22.13 18.04
N ALA A 101 13.80 21.99 18.96
CA ALA A 101 14.81 23.00 19.22
C ALA A 101 15.73 23.12 18.02
N THR A 102 16.18 24.33 17.74
CA THR A 102 17.04 24.56 16.60
C THR A 102 17.82 25.84 16.87
N PRO A 103 19.11 25.92 16.46
CA PRO A 103 19.85 27.18 16.49
C PRO A 103 19.24 28.28 15.64
N LYS A 104 18.41 27.91 14.66
CA LYS A 104 17.83 28.86 13.72
C LYS A 104 16.88 29.87 14.40
N THR A 105 16.43 29.62 15.64
CA THR A 105 15.58 30.60 16.32
C THR A 105 16.44 31.65 17.01
N GLY A 106 17.78 31.48 16.97
CA GLY A 106 18.73 32.46 17.48
C GLY A 106 19.14 32.17 18.94
N PRO A 107 19.84 33.14 19.60
CA PRO A 107 20.24 33.03 21.00
C PRO A 107 19.13 32.64 22.00
N PRO A 108 19.31 31.57 22.79
CA PRO A 108 18.23 31.07 23.64
C PRO A 108 17.76 32.15 24.62
N PRO A 109 16.48 32.14 25.01
CA PRO A 109 15.99 33.04 26.06
C PRO A 109 16.44 32.58 27.45
N PRO A 110 16.33 33.43 28.48
CA PRO A 110 16.64 33.02 29.87
C PRO A 110 15.72 31.94 30.38
N PRO A 111 16.24 30.83 30.95
CA PRO A 111 15.35 29.79 31.49
C PRO A 111 14.48 30.42 32.57
N PRO A 112 13.27 29.88 32.87
CA PRO A 112 12.77 28.62 32.31
C PRO A 112 12.16 28.64 30.91
N ALA A 113 12.17 29.80 30.25
CA ALA A 113 11.78 29.89 28.85
C ALA A 113 12.82 29.17 27.98
N HIS A 114 12.38 28.67 26.82
CA HIS A 114 13.14 27.66 26.09
C HIS A 114 13.16 27.93 24.59
N ALA A 115 12.09 28.53 24.04
CA ALA A 115 11.92 28.68 22.59
C ALA A 115 12.15 27.34 21.89
N GLY A 116 11.55 26.28 22.42
CA GLY A 116 11.87 24.92 22.05
C GLY A 116 10.96 24.39 20.96
N GLY A 117 9.98 25.22 20.55
CA GLY A 117 9.17 24.93 19.38
C GLY A 117 7.88 24.22 19.77
N LEU A 118 7.04 23.95 18.76
CA LEU A 118 5.73 23.36 18.98
C LEU A 118 5.81 21.93 19.52
N ASN A 119 6.99 21.29 19.42
CA ASN A 119 7.17 19.97 19.99
C ASN A 119 7.06 19.94 21.51
N VAL A 120 7.33 21.07 22.18
CA VAL A 120 7.33 21.09 23.64
C VAL A 120 5.99 20.68 24.21
N HIS A 121 6.00 19.68 25.10
CA HIS A 121 4.80 19.04 25.65
C HIS A 121 4.27 19.76 26.87
N GLY A 122 2.94 19.79 27.04
CA GLY A 122 2.37 19.93 28.36
C GLY A 122 1.55 21.20 28.57
N THR A 123 1.79 22.28 27.82
CA THR A 123 1.01 23.50 27.95
CA THR A 123 0.98 23.48 27.96
C THR A 123 0.24 23.78 26.65
N PHE A 124 0.88 23.55 25.49
CA PHE A 124 0.19 23.61 24.20
C PHE A 124 -0.01 22.19 23.65
N GLU A 125 1.02 21.61 22.98
CA GLU A 125 0.95 20.24 22.49
C GLU A 125 0.56 19.30 23.63
N GLY A 126 -0.28 18.31 23.33
CA GLY A 126 -0.72 17.33 24.32
C GLY A 126 -1.30 16.07 23.68
N ASP A 127 -2.15 15.37 24.45
CA ASP A 127 -2.38 13.95 24.27
C ASP A 127 -3.64 13.67 23.46
N ALA A 128 -3.78 12.43 23.02
CA ALA A 128 -4.99 11.96 22.33
C ALA A 128 -5.10 12.57 20.94
N GLY A 129 -3.96 12.77 20.27
CA GLY A 129 -3.98 13.23 18.89
C GLY A 129 -4.42 12.12 17.95
N MET A 130 -4.65 12.48 16.68
CA MET A 130 -5.18 11.57 15.68
C MET A 130 -4.07 10.78 15.00
N THR A 131 -2.94 11.43 14.65
CA THR A 131 -1.87 10.74 13.94
C THR A 131 -0.53 10.81 14.68
N ARG A 132 -0.51 11.42 15.86
CA ARG A 132 0.68 11.49 16.68
C ARG A 132 0.40 10.85 18.04
N ALA A 133 1.39 10.12 18.58
CA ALA A 133 1.28 9.38 19.83
C ALA A 133 1.55 10.34 20.98
N ASP A 134 0.97 10.06 22.15
CA ASP A 134 1.22 10.81 23.37
C ASP A 134 2.72 10.85 23.67
N GLU A 135 3.15 11.95 24.30
CA GLU A 135 4.56 12.19 24.63
C GLU A 135 5.10 11.13 25.58
N PHE A 136 4.23 10.62 26.46
CA PHE A 136 4.62 9.57 27.39
C PHE A 136 5.27 8.39 26.67
N PHE A 137 4.85 8.08 25.44
CA PHE A 137 5.35 6.91 24.73
C PHE A 137 6.65 7.21 23.99
N GLY A 138 7.15 8.46 24.03
CA GLY A 138 8.50 8.76 23.56
C GLY A 138 8.57 9.68 22.33
N ASP A 139 7.46 9.93 21.62
CA ASP A 139 7.52 10.68 20.36
C ASP A 139 6.16 11.32 20.08
N ASN A 140 6.10 12.63 20.29
CA ASN A 140 4.85 13.37 20.23
C ASN A 140 4.72 14.10 18.89
N HIS A 141 5.68 13.94 17.99
CA HIS A 141 5.76 14.78 16.80
C HIS A 141 5.68 13.96 15.50
N SER A 142 6.19 12.71 15.51
CA SER A 142 6.25 11.92 14.29
C SER A 142 4.88 11.36 13.94
N PHE A 143 4.66 11.22 12.64
CA PHE A 143 3.51 10.46 12.15
C PHE A 143 3.60 9.02 12.67
N ASN A 144 2.44 8.48 13.08
CA ASN A 144 2.35 7.15 13.64
C ASN A 144 1.38 6.31 12.82
N GLN A 145 1.89 5.28 12.12
CA GLN A 145 1.09 4.52 11.17
C GLN A 145 -0.05 3.78 11.88
N THR A 146 0.22 3.26 13.08
CA THR A 146 -0.79 2.55 13.83
C THR A 146 -1.97 3.47 14.12
N LEU A 147 -1.69 4.73 14.47
CA LEU A 147 -2.76 5.68 14.75
C LEU A 147 -3.51 6.05 13.47
N PHE A 148 -2.78 6.19 12.36
CA PHE A 148 -3.42 6.46 11.09
C PHE A 148 -4.29 5.27 10.67
N ASP A 149 -3.86 4.04 10.97
CA ASP A 149 -4.66 2.87 10.65
C ASP A 149 -6.00 2.93 11.38
N LYS A 150 -6.00 3.43 12.62
CA LYS A 150 -7.23 3.59 13.38
C LYS A 150 -8.09 4.71 12.78
N PHE A 151 -7.45 5.76 12.28
CA PHE A 151 -8.16 6.81 11.56
C PHE A 151 -8.90 6.21 10.36
N VAL A 152 -8.20 5.33 9.63
CA VAL A 152 -8.76 4.68 8.46
C VAL A 152 -9.91 3.79 8.90
N ASP A 153 -9.68 3.01 9.95
CA ASP A 153 -10.68 2.08 10.46
C ASP A 153 -11.96 2.83 10.80
N PHE A 154 -11.84 3.91 11.56
CA PHE A 154 -13.02 4.65 11.99
C PHE A 154 -13.70 5.31 10.80
N SER A 155 -12.92 5.71 9.79
CA SER A 155 -13.53 6.28 8.58
C SER A 155 -14.33 5.20 7.85
N ASN A 156 -13.81 3.95 7.84
CA ASN A 156 -14.51 2.85 7.22
C ASN A 156 -15.80 2.56 7.99
N ARG A 157 -15.74 2.64 9.32
CA ARG A 157 -16.83 2.20 10.16
C ARG A 157 -17.94 3.25 10.23
N TYR A 158 -17.61 4.55 10.14
CA TYR A 158 -18.61 5.58 10.38
C TYR A 158 -18.75 6.57 9.22
N GLY A 159 -17.86 6.54 8.21
CA GLY A 159 -17.84 7.57 7.19
C GLY A 159 -17.81 7.04 5.76
N GLY A 160 -18.20 5.78 5.57
CA GLY A 160 -18.24 5.21 4.23
C GLY A 160 -16.86 5.13 3.58
N GLY A 161 -15.79 5.13 4.42
CA GLY A 161 -14.41 5.09 3.94
C GLY A 161 -13.78 6.47 3.84
N PHE A 162 -14.53 7.51 4.25
CA PHE A 162 -14.08 8.88 4.25
C PHE A 162 -14.14 9.46 5.66
N TYR A 163 -13.31 10.46 5.93
CA TYR A 163 -13.35 11.13 7.20
C TYR A 163 -14.36 12.27 7.10
N ASN A 164 -15.36 12.23 7.98
CA ASN A 164 -16.37 13.27 8.05
C ASN A 164 -16.74 13.52 9.51
N LEU A 165 -17.72 14.36 9.73
CA LEU A 165 -17.96 14.87 11.07
C LEU A 165 -18.42 13.76 12.03
N THR A 166 -19.14 12.75 11.51
CA THR A 166 -19.55 11.61 12.33
C THR A 166 -18.32 10.82 12.78
N VAL A 167 -17.39 10.58 11.85
CA VAL A 167 -16.15 9.89 12.17
C VAL A 167 -15.40 10.66 13.26
N ALA A 168 -15.29 11.98 13.09
CA ALA A 168 -14.57 12.83 14.04
C ALA A 168 -15.11 12.61 15.46
N GLY A 169 -16.44 12.61 15.62
CA GLY A 169 -17.02 12.44 16.94
C GLY A 169 -16.58 11.12 17.59
N GLU A 170 -16.61 10.04 16.81
CA GLU A 170 -16.28 8.72 17.29
C GLU A 170 -14.78 8.64 17.54
N LEU A 171 -13.95 9.11 16.60
CA LEU A 171 -12.52 8.94 16.73
C LEU A 171 -12.03 9.70 17.96
N ARG A 172 -12.55 10.90 18.18
CA ARG A 172 -12.04 11.76 19.23
C ARG A 172 -12.20 11.06 20.57
N TYR A 173 -13.40 10.55 20.81
CA TYR A 173 -13.72 9.86 22.05
C TYR A 173 -12.88 8.60 22.20
N SER A 174 -12.76 7.80 21.13
CA SER A 174 -12.00 6.57 21.21
C SER A 174 -10.55 6.86 21.56
N ARG A 175 -9.97 7.94 20.99
CA ARG A 175 -8.56 8.26 21.24
C ARG A 175 -8.39 8.70 22.69
N ILE A 176 -9.41 9.36 23.25
CA ILE A 176 -9.40 9.71 24.66
C ILE A 176 -9.33 8.43 25.48
N GLN A 177 -10.21 7.46 25.19
CA GLN A 177 -10.20 6.16 25.84
C GLN A 177 -8.85 5.45 25.72
N ASP A 178 -8.23 5.40 24.53
CA ASP A 178 -6.91 4.79 24.38
C ASP A 178 -5.93 5.38 25.39
N SER A 179 -5.95 6.71 25.55
CA SER A 179 -4.97 7.39 26.38
C SER A 179 -5.28 7.16 27.86
N ILE A 180 -6.55 7.11 28.23
CA ILE A 180 -6.93 6.76 29.59
C ILE A 180 -6.39 5.37 29.94
N ALA A 181 -6.57 4.41 29.02
CA ALA A 181 -6.23 3.02 29.29
C ALA A 181 -4.73 2.78 29.30
N THR A 182 -3.93 3.59 28.61
CA THR A 182 -2.56 3.21 28.31
C THR A 182 -1.55 4.24 28.79
N ASN A 183 -1.99 5.45 29.11
CA ASN A 183 -1.05 6.53 29.41
C ASN A 183 -1.30 7.02 30.82
N PRO A 184 -0.45 6.64 31.79
CA PRO A 184 -0.64 7.03 33.18
C PRO A 184 -0.46 8.52 33.47
N GLU A 185 0.19 9.25 32.54
CA GLU A 185 0.38 10.69 32.69
C GLU A 185 -0.63 11.48 31.82
N PHE A 186 -1.63 10.80 31.26
CA PHE A 186 -2.62 11.44 30.39
C PHE A 186 -3.22 12.68 31.04
N GLN A 187 -3.11 13.81 30.34
CA GLN A 187 -3.74 15.08 30.69
C GLN A 187 -4.63 15.51 29.54
N PHE A 188 -5.85 15.95 29.86
CA PHE A 188 -6.76 16.44 28.84
C PHE A 188 -7.51 17.65 29.39
N LYS A 189 -6.78 18.74 29.64
CA LYS A 189 -7.36 19.92 30.25
C LYS A 189 -6.73 21.20 29.69
N ASN A 190 -7.32 22.34 30.07
CA ASN A 190 -6.82 23.65 29.69
C ASN A 190 -6.71 23.75 28.16
N VAL A 191 -5.54 24.12 27.65
CA VAL A 191 -5.39 24.35 26.23
C VAL A 191 -5.75 23.08 25.45
N ARG A 192 -5.24 21.94 25.90
CA ARG A 192 -5.35 20.73 25.12
C ARG A 192 -6.81 20.32 24.97
N PHE A 193 -7.60 20.54 26.02
CA PHE A 193 -8.99 20.17 25.97
C PHE A 193 -9.68 20.97 24.86
N ILE A 194 -9.32 22.24 24.72
CA ILE A 194 -9.96 23.09 23.72
C ILE A 194 -9.45 22.74 22.33
N THR A 195 -8.11 22.63 22.15
CA THR A 195 -7.51 22.44 20.84
C THR A 195 -7.84 21.06 20.27
N ALA A 196 -8.11 20.08 21.14
CA ALA A 196 -8.33 18.71 20.71
C ALA A 196 -9.62 18.57 19.91
N TYR A 197 -10.62 19.41 20.17
CA TYR A 197 -11.88 19.31 19.44
C TYR A 197 -11.72 20.02 18.09
N GLY A 198 -11.11 21.20 18.10
CA GLY A 198 -10.84 21.92 16.86
C GLY A 198 -10.01 21.12 15.86
N GLU A 199 -8.99 20.40 16.34
CA GLU A 199 -8.08 19.73 15.43
CA GLU A 199 -8.07 19.70 15.46
C GLU A 199 -8.81 18.61 14.70
N THR A 200 -9.91 18.10 15.29
CA THR A 200 -10.59 16.96 14.67
C THR A 200 -11.47 17.43 13.53
N VAL A 201 -11.81 18.72 13.46
CA VAL A 201 -12.61 19.22 12.35
C VAL A 201 -11.76 19.95 11.31
N PHE A 202 -10.52 20.33 11.64
CA PHE A 202 -9.66 20.96 10.65
C PHE A 202 -9.55 20.12 9.39
N PRO A 203 -9.40 18.78 9.45
CA PRO A 203 -9.32 17.99 8.22
C PRO A 203 -10.53 18.18 7.33
N ILE A 204 -11.71 18.36 7.94
CA ILE A 204 -12.95 18.47 7.21
C ILE A 204 -13.07 19.85 6.59
N ASN A 205 -12.81 20.89 7.40
CA ASN A 205 -13.03 22.24 6.95
C ASN A 205 -11.88 22.74 6.10
N LEU A 206 -10.67 22.20 6.27
CA LEU A 206 -9.51 22.79 5.63
C LEU A 206 -8.78 21.83 4.67
N PHE A 207 -8.86 20.52 4.89
CA PHE A 207 -8.09 19.59 4.08
C PHE A 207 -8.93 19.07 2.93
N VAL A 208 -10.24 19.27 3.03
CA VAL A 208 -11.15 18.97 1.94
C VAL A 208 -11.07 20.10 0.93
N ASP A 209 -10.97 19.72 -0.35
CA ASP A 209 -10.83 20.67 -1.44
C ASP A 209 -11.98 21.66 -1.39
N GLY A 210 -11.69 22.93 -1.68
CA GLY A 210 -12.67 23.99 -1.49
C GLY A 210 -13.74 24.01 -2.57
N ARG A 211 -13.50 23.34 -3.71
CA ARG A 211 -14.50 23.20 -4.75
C ARG A 211 -15.59 22.20 -4.32
N VAL A 212 -15.33 21.38 -3.29
CA VAL A 212 -16.37 20.50 -2.76
C VAL A 212 -17.26 21.29 -1.80
N THR A 213 -18.49 21.61 -2.22
CA THR A 213 -19.36 22.50 -1.45
C THR A 213 -20.25 21.68 -0.49
N THR A 214 -20.53 20.43 -0.85
CA THR A 214 -21.57 19.64 -0.21
C THR A 214 -21.03 18.27 0.21
N ASP A 215 -21.41 17.78 1.40
CA ASP A 215 -21.03 16.45 1.85
C ASP A 215 -19.50 16.42 1.93
N ARG A 216 -18.95 17.30 2.77
CA ARG A 216 -17.52 17.48 2.84
C ARG A 216 -16.94 16.29 3.58
N LYS A 217 -15.98 15.61 2.97
CA LYS A 217 -15.40 14.41 3.52
C LYS A 217 -14.02 14.26 2.94
N LEU A 218 -13.09 13.74 3.74
CA LEU A 218 -11.70 13.62 3.32
C LEU A 218 -11.37 12.18 2.96
N SER A 219 -10.78 11.96 1.78
CA SER A 219 -10.32 10.64 1.39
C SER A 219 -9.08 10.25 2.20
N MET A 220 -8.80 8.97 2.29
CA MET A 220 -7.65 8.47 3.04
C MET A 220 -6.35 8.76 2.28
N GLU A 221 -6.40 8.83 0.94
CA GLU A 221 -5.23 9.20 0.15
C GLU A 221 -4.81 10.64 0.47
N ASP A 222 -5.79 11.54 0.54
CA ASP A 222 -5.55 12.94 0.80
C ASP A 222 -5.10 13.12 2.26
N ALA A 223 -5.75 12.38 3.18
CA ALA A 223 -5.29 12.38 4.56
C ALA A 223 -3.84 11.91 4.66
N ALA A 224 -3.48 10.81 3.99
CA ALA A 224 -2.11 10.31 4.12
C ALA A 224 -1.14 11.34 3.56
N SER A 225 -1.53 11.92 2.45
CA SER A 225 -0.67 12.86 1.76
C SER A 225 -0.27 13.99 2.71
N ILE A 226 -1.24 14.50 3.47
CA ILE A 226 -1.02 15.65 4.33
C ILE A 226 -0.38 15.23 5.65
N PHE A 227 -1.01 14.26 6.32
CA PHE A 227 -0.60 13.87 7.65
C PHE A 227 0.75 13.16 7.65
N ARG A 228 1.02 12.34 6.63
CA ARG A 228 2.27 11.60 6.57
C ARG A 228 3.29 12.31 5.69
N ASP A 229 2.93 12.74 4.48
CA ASP A 229 3.93 13.19 3.53
C ASP A 229 4.11 14.71 3.53
N MET A 230 3.27 15.45 4.24
CA MET A 230 3.35 16.91 4.30
CA MET A 230 3.35 16.91 4.30
C MET A 230 3.19 17.49 2.89
N ARG A 231 2.29 16.88 2.12
CA ARG A 231 2.09 17.18 0.71
CA ARG A 231 2.09 17.19 0.72
C ARG A 231 0.61 17.48 0.46
N PHE A 232 0.35 18.60 -0.21
CA PHE A 232 -1.00 18.90 -0.67
C PHE A 232 -1.42 17.87 -1.70
N PRO A 233 -2.69 17.47 -1.73
CA PRO A 233 -3.21 16.69 -2.86
C PRO A 233 -2.94 17.44 -4.17
N ASP A 234 -2.83 16.67 -5.26
CA ASP A 234 -2.64 17.26 -6.57
C ASP A 234 -3.79 18.24 -6.84
N ASP A 235 -3.45 19.39 -7.38
CA ASP A 235 -4.43 20.37 -7.80
C ASP A 235 -5.30 20.84 -6.62
N PHE A 236 -4.73 20.89 -5.42
CA PHE A 236 -5.51 21.21 -4.23
C PHE A 236 -5.96 22.66 -4.26
N HIS A 237 -7.25 22.86 -4.02
CA HIS A 237 -7.81 24.20 -3.91
C HIS A 237 -8.29 24.41 -2.47
N ARG A 238 -7.91 25.53 -1.90
CA ARG A 238 -8.22 25.79 -0.51
C ARG A 238 -9.72 26.02 -0.34
N SER A 239 -10.16 25.93 0.92
CA SER A 239 -11.51 26.29 1.30
C SER A 239 -11.97 27.57 0.62
N ALA A 240 -13.26 27.63 0.30
CA ALA A 240 -13.80 28.74 -0.48
C ALA A 240 -14.17 29.90 0.44
N VAL A 241 -14.16 29.67 1.77
CA VAL A 241 -14.37 30.70 2.76
C VAL A 241 -13.36 30.53 3.88
N PRO A 242 -12.96 31.62 4.56
CA PRO A 242 -12.14 31.51 5.77
C PRO A 242 -12.82 30.51 6.71
N ALA A 243 -12.03 29.59 7.27
CA ALA A 243 -12.62 28.60 8.15
C ALA A 243 -11.64 28.20 9.24
N SER A 244 -12.18 27.51 10.23
CA SER A 244 -11.40 27.01 11.33
C SER A 244 -12.13 25.81 11.94
N ASN A 245 -12.86 26.03 13.03
CA ASN A 245 -13.28 24.95 13.90
C ASN A 245 -14.79 24.72 13.85
N GLU A 246 -15.45 25.09 12.73
CA GLU A 246 -16.87 24.81 12.54
C GLU A 246 -17.13 23.31 12.73
N GLY A 247 -18.10 23.00 13.61
CA GLY A 247 -18.52 21.64 13.87
C GLY A 247 -17.88 21.04 15.11
N ALA A 248 -16.93 21.74 15.75
CA ALA A 248 -16.25 21.19 16.91
C ALA A 248 -17.24 20.94 18.05
N ASP A 249 -18.28 21.78 18.13
CA ASP A 249 -19.38 21.65 19.09
C ASP A 249 -20.06 20.29 18.92
N GLN A 250 -20.30 19.87 17.67
CA GLN A 250 -20.98 18.62 17.40
C GLN A 250 -20.10 17.43 17.77
N VAL A 251 -18.78 17.58 17.64
CA VAL A 251 -17.85 16.51 17.98
C VAL A 251 -17.93 16.25 19.48
N LEU A 252 -17.97 17.33 20.26
CA LEU A 252 -18.10 17.21 21.70
C LEU A 252 -19.47 16.63 22.06
N ALA A 253 -20.52 17.05 21.36
CA ALA A 253 -21.87 16.62 21.69
C ALA A 253 -22.06 15.12 21.44
N ALA A 254 -21.37 14.55 20.45
CA ALA A 254 -21.47 13.13 20.15
C ALA A 254 -21.02 12.26 21.33
N HIS A 255 -20.03 12.73 22.10
CA HIS A 255 -19.59 12.01 23.28
C HIS A 255 -19.15 13.00 24.36
N PRO A 256 -20.10 13.61 25.10
CA PRO A 256 -19.78 14.63 26.10
C PRO A 256 -18.64 14.19 27.00
N TRP A 257 -17.74 15.14 27.25
CA TRP A 257 -16.52 14.84 27.98
C TRP A 257 -16.08 16.08 28.77
N VAL A 258 -15.38 15.83 29.86
CA VAL A 258 -15.04 16.84 30.84
C VAL A 258 -13.54 16.88 31.00
N PRO A 259 -12.93 18.08 31.03
CA PRO A 259 -11.47 18.18 31.17
C PRO A 259 -11.04 17.45 32.44
N GLY A 260 -9.81 16.93 32.42
CA GLY A 260 -9.23 16.24 33.56
C GLY A 260 -7.97 15.48 33.13
N GLY A 261 -7.70 14.38 33.83
CA GLY A 261 -6.51 13.58 33.58
C GLY A 261 -6.50 12.31 34.41
N ASN A 262 -5.55 11.41 34.08
CA ASN A 262 -5.26 10.27 34.92
C ASN A 262 -4.54 10.77 36.18
N ALA A 263 -5.10 10.49 37.36
CA ALA A 263 -4.49 10.89 38.62
C ALA A 263 -3.51 9.81 39.11
N ASP A 264 -2.50 10.27 39.86
CA ASP A 264 -1.64 9.43 40.67
C ASP A 264 -0.87 8.42 39.81
N ASN A 265 -0.47 8.81 38.60
CA ASN A 265 0.41 8.04 37.76
C ASN A 265 -0.14 6.62 37.53
N GLN A 266 -1.45 6.52 37.28
CA GLN A 266 -2.12 5.25 37.03
C GLN A 266 -3.05 5.34 35.83
N VAL A 267 -3.14 4.26 35.05
CA VAL A 267 -4.10 4.18 33.97
C VAL A 267 -5.50 3.93 34.55
N ASN A 268 -6.51 4.07 33.68
CA ASN A 268 -7.91 3.89 34.01
C ASN A 268 -8.25 4.58 35.33
N ASN A 269 -7.82 5.84 35.44
CA ASN A 269 -8.01 6.58 36.68
C ASN A 269 -8.26 8.07 36.37
N TYR A 270 -9.22 8.33 35.47
CA TYR A 270 -9.49 9.69 35.01
C TYR A 270 -10.31 10.44 36.05
N VAL A 271 -9.75 11.56 36.53
CA VAL A 271 -10.39 12.46 37.47
C VAL A 271 -10.65 13.80 36.79
N GLU A 272 -11.83 14.36 37.02
CA GLU A 272 -12.23 15.61 36.39
C GLU A 272 -11.52 16.79 37.07
N ASP A 273 -11.21 17.83 36.27
CA ASP A 273 -10.69 19.10 36.76
C ASP A 273 -11.76 20.17 36.58
N PRO A 274 -12.42 20.62 37.67
CA PRO A 274 -13.46 21.65 37.57
C PRO A 274 -12.96 23.09 37.36
N ASP A 275 -11.65 23.32 37.52
CA ASP A 275 -11.03 24.63 37.30
C ASP A 275 -10.58 24.85 35.85
N SER A 276 -10.52 23.79 35.05
CA SER A 276 -10.03 23.90 33.69
C SER A 276 -10.95 24.77 32.85
N ALA A 277 -10.37 25.39 31.83
CA ALA A 277 -11.17 25.94 30.75
C ALA A 277 -12.01 24.83 30.11
N ASP A 278 -13.17 25.23 29.56
CA ASP A 278 -13.99 24.35 28.74
C ASP A 278 -14.71 25.25 27.74
N PHE A 279 -15.67 24.71 27.00
CA PHE A 279 -16.23 25.44 25.86
C PHE A 279 -17.21 26.52 26.30
N THR A 280 -17.67 26.50 27.56
CA THR A 280 -18.48 27.59 28.08
C THR A 280 -17.65 28.48 29.03
N HIS A 281 -16.35 28.17 29.20
CA HIS A 281 -15.48 28.92 30.08
C HIS A 281 -14.14 29.22 29.39
N LEU A 282 -14.20 29.80 28.20
CA LEU A 282 -13.03 29.97 27.35
C LEU A 282 -12.02 30.96 27.93
N CYS A 283 -12.48 31.97 28.67
CA CYS A 283 -11.56 32.99 29.19
C CYS A 283 -10.59 32.41 30.20
N ARG A 284 -10.94 31.29 30.83
CA ARG A 284 -9.99 30.61 31.68
C ARG A 284 -8.74 30.22 30.89
N LEU A 285 -8.91 29.86 29.62
CA LEU A 285 -7.78 29.47 28.80
C LEU A 285 -6.84 30.67 28.69
N TYR A 286 -7.40 31.85 28.49
CA TYR A 286 -6.62 33.08 28.37
C TYR A 286 -5.84 33.35 29.65
N GLU A 287 -6.51 33.28 30.79
CA GLU A 287 -5.88 33.52 32.09
C GLU A 287 -4.81 32.46 32.36
N PHE A 288 -5.11 31.19 32.07
CA PHE A 288 -4.19 30.10 32.29
C PHE A 288 -2.90 30.35 31.51
N VAL A 289 -3.04 30.73 30.23
CA VAL A 289 -1.89 30.92 29.36
C VAL A 289 -1.06 32.12 29.81
N VAL A 290 -1.72 33.21 30.20
CA VAL A 290 -0.98 34.37 30.71
C VAL A 290 -0.19 33.96 31.96
N GLY A 291 -0.80 33.20 32.88
CA GLY A 291 -0.10 32.56 33.99
C GLY A 291 1.12 31.78 33.52
N SER A 292 0.95 30.91 32.51
CA SER A 292 2.05 30.10 32.02
C SER A 292 3.18 30.98 31.51
N VAL A 293 2.84 32.07 30.85
CA VAL A 293 3.84 33.00 30.33
C VAL A 293 4.62 33.63 31.48
N GLN A 294 3.96 33.92 32.60
CA GLN A 294 4.64 34.48 33.75
C GLN A 294 5.65 33.49 34.34
N GLU A 295 5.31 32.19 34.33
CA GLU A 295 6.23 31.16 34.80
C GLU A 295 7.45 31.12 33.89
N LEU A 296 7.25 31.25 32.56
CA LEU A 296 8.35 31.20 31.62
C LEU A 296 9.21 32.46 31.72
N TYR A 297 8.56 33.59 31.98
CA TYR A 297 9.25 34.88 32.00
C TYR A 297 8.96 35.59 33.32
N PRO A 298 9.61 35.20 34.44
CA PRO A 298 9.30 35.78 35.74
C PRO A 298 9.69 37.24 35.94
N ASN A 299 10.73 37.74 35.26
CA ASN A 299 11.14 39.13 35.48
C ASN A 299 11.88 39.70 34.28
N PRO A 300 11.24 39.82 33.10
CA PRO A 300 11.92 40.33 31.91
C PRO A 300 12.10 41.83 31.95
N THR A 301 13.15 42.31 31.29
CA THR A 301 13.40 43.72 31.08
C THR A 301 13.83 43.91 29.63
N GLY A 302 14.06 45.18 29.23
CA GLY A 302 14.60 45.50 27.93
C GLY A 302 13.68 45.05 26.78
N ILE A 303 14.31 44.58 25.70
CA ILE A 303 13.64 44.23 24.46
C ILE A 303 12.72 43.03 24.73
N LEU A 304 13.16 42.11 25.60
CA LEU A 304 12.37 40.93 25.90
C LEU A 304 11.05 41.38 26.50
N ARG A 305 11.10 42.31 27.45
CA ARG A 305 9.90 42.78 28.11
CA ARG A 305 9.90 42.78 28.11
C ARG A 305 9.00 43.45 27.09
N ARG A 306 9.59 44.31 26.26
CA ARG A 306 8.83 45.04 25.24
C ARG A 306 8.11 44.06 24.32
N ASN A 307 8.83 43.02 23.85
CA ASN A 307 8.27 42.12 22.88
C ASN A 307 7.22 41.23 23.53
N LEU A 308 7.42 40.87 24.81
CA LEU A 308 6.39 40.15 25.54
C LEU A 308 5.10 40.96 25.58
N ILE A 309 5.22 42.24 25.92
CA ILE A 309 4.03 43.07 26.06
C ILE A 309 3.27 43.13 24.75
N LYS A 310 3.99 43.31 23.65
CA LYS A 310 3.34 43.41 22.34
C LYS A 310 2.70 42.09 21.91
N ASN A 311 3.43 40.97 22.03
CA ASN A 311 2.89 39.68 21.66
C ASN A 311 1.67 39.35 22.52
N LEU A 312 1.71 39.70 23.80
CA LEU A 312 0.59 39.43 24.68
C LEU A 312 -0.63 40.19 24.17
N HIS A 313 -0.41 41.43 23.78
CA HIS A 313 -1.47 42.28 23.27
C HIS A 313 -1.99 41.75 21.94
N TYR A 314 -1.10 41.39 21.01
CA TYR A 314 -1.52 40.82 19.74
C TYR A 314 -2.39 39.59 19.99
N TRP A 315 -1.98 38.74 20.94
CA TRP A 315 -2.71 37.53 21.20
C TRP A 315 -4.11 37.89 21.66
N TRP A 316 -4.17 38.87 22.56
CA TRP A 316 -5.43 39.26 23.15
C TRP A 316 -6.38 39.78 22.05
N THR A 317 -5.85 40.45 21.01
CA THR A 317 -6.75 40.99 20.00
C THR A 317 -7.54 39.84 19.37
N GLY A 318 -6.88 38.69 19.17
CA GLY A 318 -7.55 37.54 18.61
C GLY A 318 -8.46 36.84 19.63
N VAL A 319 -7.95 36.68 20.86
CA VAL A 319 -8.67 35.97 21.90
C VAL A 319 -9.97 36.71 22.19
N ASN A 320 -9.90 38.05 22.18
CA ASN A 320 -11.04 38.87 22.57
C ASN A 320 -12.23 38.59 21.65
N VAL A 321 -11.96 38.49 20.35
CA VAL A 321 -12.97 38.15 19.37
C VAL A 321 -13.31 36.67 19.46
N ALA A 322 -12.32 35.77 19.38
CA ALA A 322 -12.60 34.34 19.27
C ALA A 322 -13.33 33.82 20.50
N PHE A 323 -13.04 34.35 21.70
CA PHE A 323 -13.60 33.81 22.92
C PHE A 323 -14.81 34.63 23.38
N GLY A 324 -15.21 35.63 22.60
CA GLY A 324 -16.40 36.42 22.88
C GLY A 324 -16.24 37.43 24.02
N GLY A 325 -15.01 37.95 24.22
CA GLY A 325 -14.74 39.03 25.18
C GLY A 325 -14.03 38.52 26.44
N CYS A 326 -12.74 38.86 26.60
CA CYS A 326 -11.97 38.56 27.80
C CYS A 326 -11.29 39.85 28.25
N ASP A 327 -11.22 40.09 29.56
CA ASP A 327 -10.53 41.28 30.06
C ASP A 327 -9.03 41.10 29.85
N GLU A 328 -8.41 42.11 29.22
CA GLU A 328 -6.98 42.04 28.95
C GLU A 328 -6.21 42.09 30.27
N LEU A 329 -5.18 41.24 30.39
CA LEU A 329 -4.29 41.24 31.52
C LEU A 329 -2.97 41.91 31.13
N PHE A 330 -2.33 42.53 32.11
CA PHE A 330 -1.10 43.29 31.91
C PHE A 330 -0.04 42.85 32.92
N PRO A 331 0.45 41.59 32.85
CA PRO A 331 1.43 41.12 33.84
C PRO A 331 2.73 41.89 33.83
N TYR A 332 3.02 42.59 32.73
CA TYR A 332 4.25 43.36 32.62
C TYR A 332 3.94 44.86 32.46
N GLY A 333 2.71 45.25 32.78
CA GLY A 333 2.30 46.63 32.59
C GLY A 333 2.24 47.00 31.11
N GLN A 334 2.54 48.29 30.83
CA GLN A 334 2.35 48.85 29.51
C GLN A 334 3.71 49.31 28.98
N LEU A 335 3.78 49.61 27.67
CA LEU A 335 5.03 50.04 27.03
C LEU A 335 5.48 51.41 27.56
N GLN B 1 24.82 -17.44 -2.17
CA GLN B 1 25.69 -16.58 -3.03
C GLN B 1 25.11 -16.61 -4.45
N GLY B 2 25.40 -17.71 -5.16
CA GLY B 2 25.03 -17.88 -6.56
C GLY B 2 23.58 -18.34 -6.72
N VAL B 3 22.91 -17.83 -7.76
CA VAL B 3 21.50 -18.05 -7.99
C VAL B 3 21.36 -18.67 -9.37
N ASP B 4 20.29 -19.45 -9.54
CA ASP B 4 19.90 -20.00 -10.82
C ASP B 4 18.78 -19.13 -11.40
N PRO B 5 19.03 -18.31 -12.45
CA PRO B 5 18.08 -17.27 -12.89
C PRO B 5 16.85 -17.80 -13.63
N PRO B 6 15.63 -17.46 -13.18
CA PRO B 6 14.41 -17.92 -13.85
C PRO B 6 14.22 -17.21 -15.18
N PRO B 7 13.52 -17.81 -16.15
CA PRO B 7 13.18 -17.11 -17.38
C PRO B 7 12.28 -15.91 -17.08
N PRO B 8 12.24 -14.89 -17.97
CA PRO B 8 11.47 -13.69 -17.70
C PRO B 8 9.98 -14.00 -17.59
N PRO B 9 9.24 -13.28 -16.74
CA PRO B 9 7.79 -13.37 -16.73
C PRO B 9 7.28 -13.06 -18.12
N GLY B 10 6.12 -13.66 -18.45
CA GLY B 10 5.37 -13.27 -19.64
C GLY B 10 4.49 -12.04 -19.37
N PRO B 11 3.63 -11.64 -20.32
CA PRO B 11 2.72 -10.51 -20.13
C PRO B 11 1.84 -10.71 -18.89
N PRO B 12 1.34 -9.64 -18.24
CA PRO B 12 0.46 -9.83 -17.10
C PRO B 12 -0.86 -10.46 -17.57
N SER B 13 -1.48 -11.19 -16.65
CA SER B 13 -2.76 -11.85 -16.90
CA SER B 13 -2.75 -11.85 -16.92
C SER B 13 -3.79 -10.80 -17.32
N PHE B 14 -3.84 -9.69 -16.57
CA PHE B 14 -4.74 -8.58 -16.88
C PHE B 14 -3.94 -7.41 -17.45
N THR B 15 -4.34 -6.91 -18.63
CA THR B 15 -3.58 -5.89 -19.35
C THR B 15 -4.41 -4.62 -19.53
N GLY B 16 -5.50 -4.46 -18.78
CA GLY B 16 -6.28 -3.23 -18.86
C GLY B 16 -5.74 -2.15 -17.92
N THR B 17 -6.45 -1.02 -17.85
CA THR B 17 -6.08 0.04 -16.93
C THR B 17 -6.47 -0.38 -15.53
N LYS B 18 -5.80 0.23 -14.56
CA LYS B 18 -6.12 0.04 -13.16
C LYS B 18 -5.41 1.13 -12.37
N LEU B 19 -5.87 1.31 -11.13
CA LEU B 19 -5.21 2.22 -10.20
C LEU B 19 -3.89 1.59 -9.78
N VAL B 20 -2.77 2.32 -10.00
CA VAL B 20 -1.47 1.79 -9.63
C VAL B 20 -0.95 2.54 -8.42
N ASN B 21 -1.40 3.78 -8.23
CA ASN B 21 -1.06 4.54 -7.04
C ASN B 21 -2.08 4.22 -5.94
N ASP B 22 -1.93 3.07 -5.29
CA ASP B 22 -2.98 2.48 -4.48
C ASP B 22 -2.46 2.28 -3.07
N ALA B 23 -3.32 1.77 -2.18
CA ALA B 23 -3.02 1.72 -0.75
C ALA B 23 -1.83 0.80 -0.48
N ASP B 24 -1.68 -0.25 -1.30
CA ASP B 24 -0.61 -1.19 -1.11
C ASP B 24 0.73 -0.67 -1.64
N HIS B 25 0.71 0.40 -2.45
CA HIS B 25 1.92 0.92 -3.09
C HIS B 25 2.11 2.41 -2.79
N PRO B 26 2.23 2.79 -1.50
CA PRO B 26 2.37 4.20 -1.15
C PRO B 26 3.75 4.74 -1.48
N TRP B 27 3.82 6.01 -1.92
CA TRP B 27 5.10 6.66 -2.00
C TRP B 27 5.70 6.74 -0.60
N GLN B 28 7.01 6.50 -0.49
CA GLN B 28 7.73 6.70 0.75
C GLN B 28 9.05 7.38 0.44
N PRO B 29 9.60 8.18 1.37
CA PRO B 29 10.89 8.82 1.16
C PRO B 29 12.03 7.80 1.21
N LEU B 30 13.16 8.19 0.64
CA LEU B 30 14.36 7.39 0.68
C LEU B 30 14.82 7.19 2.12
N ARG B 31 15.28 5.98 2.42
CA ARG B 31 16.03 5.68 3.63
C ARG B 31 17.52 5.60 3.29
N GLU B 32 18.35 5.55 4.32
CA GLU B 32 19.78 5.35 4.16
C GLU B 32 20.02 4.08 3.34
N GLY B 33 20.86 4.19 2.31
CA GLY B 33 21.22 3.03 1.49
C GLY B 33 20.35 2.85 0.24
N ASP B 34 19.20 3.55 0.15
CA ASP B 34 18.29 3.38 -0.96
C ASP B 34 18.95 3.94 -2.22
N ILE B 35 18.79 3.24 -3.34
CA ILE B 35 19.46 3.61 -4.57
C ILE B 35 18.42 4.13 -5.56
N ARG B 36 18.73 5.23 -6.23
CA ARG B 36 17.94 5.75 -7.33
C ARG B 36 18.92 6.17 -8.41
N GLY B 37 18.42 6.32 -9.65
CA GLY B 37 19.31 6.49 -10.78
C GLY B 37 18.67 7.29 -11.90
N PRO B 38 19.10 7.05 -13.15
CA PRO B 38 18.71 7.90 -14.27
C PRO B 38 17.33 7.63 -14.85
N CYS B 39 16.70 6.53 -14.42
CA CYS B 39 15.41 6.14 -14.98
C CYS B 39 14.28 6.57 -14.05
N PRO B 40 13.42 7.51 -14.50
CA PRO B 40 12.29 7.96 -13.70
C PRO B 40 11.22 6.89 -13.52
N GLY B 41 11.08 6.01 -14.51
CA GLY B 41 10.17 4.88 -14.40
C GLY B 41 10.55 3.96 -13.23
N LEU B 42 11.77 3.43 -13.25
CA LEU B 42 12.23 2.51 -12.22
C LEU B 42 12.26 3.23 -10.88
N ASN B 43 12.68 4.51 -10.88
CA ASN B 43 12.74 5.28 -9.64
C ASN B 43 11.36 5.36 -9.00
N THR B 44 10.34 5.61 -9.81
CA THR B 44 8.99 5.75 -9.27
C THR B 44 8.50 4.40 -8.76
N LEU B 45 8.77 3.32 -9.49
CA LEU B 45 8.36 1.99 -9.07
C LEU B 45 9.05 1.61 -7.75
N ALA B 46 10.31 2.01 -7.57
CA ALA B 46 10.97 1.72 -6.33
C ALA B 46 10.35 2.55 -5.19
N SER B 47 10.05 3.82 -5.45
CA SER B 47 9.58 4.70 -4.39
C SER B 47 8.12 4.42 -4.02
N HIS B 48 7.41 3.62 -4.81
CA HIS B 48 6.08 3.15 -4.46
C HIS B 48 6.04 1.67 -4.10
N GLY B 49 7.20 1.01 -4.01
CA GLY B 49 7.23 -0.38 -3.56
C GLY B 49 6.78 -1.39 -4.63
N TYR B 50 6.71 -1.00 -5.91
CA TYR B 50 6.55 -2.00 -6.97
C TYR B 50 7.84 -2.79 -7.15
N LEU B 51 8.98 -2.13 -6.99
CA LEU B 51 10.29 -2.74 -6.85
C LEU B 51 10.68 -2.65 -5.39
N PRO B 52 11.69 -3.43 -4.94
CA PRO B 52 12.31 -3.20 -3.64
C PRO B 52 12.67 -1.72 -3.49
N ARG B 53 12.33 -1.12 -2.34
CA ARG B 53 12.49 0.31 -2.12
C ARG B 53 13.96 0.72 -2.08
N ASP B 54 14.85 -0.23 -1.91
CA ASP B 54 16.27 0.05 -1.88
C ASP B 54 16.86 0.14 -3.29
N GLY B 55 16.07 -0.17 -4.31
CA GLY B 55 16.48 0.15 -5.68
C GLY B 55 17.39 -0.93 -6.28
N VAL B 56 17.40 -2.11 -5.65
CA VAL B 56 18.18 -3.24 -6.13
C VAL B 56 17.21 -4.39 -6.33
N ALA B 57 17.21 -4.97 -7.55
CA ALA B 57 16.18 -5.93 -7.90
C ALA B 57 16.68 -6.96 -8.89
N THR B 58 15.95 -8.08 -8.96
CA THR B 58 16.19 -9.11 -9.95
C THR B 58 15.59 -8.64 -11.26
N PRO B 59 16.10 -9.12 -12.42
CA PRO B 59 15.45 -8.85 -13.71
C PRO B 59 13.97 -9.19 -13.70
N ALA B 60 13.61 -10.32 -13.10
CA ALA B 60 12.23 -10.75 -13.07
C ALA B 60 11.39 -9.74 -12.30
N GLN B 61 11.89 -9.23 -11.18
CA GLN B 61 11.15 -8.24 -10.41
C GLN B 61 10.97 -6.96 -11.22
N ILE B 62 12.00 -6.56 -11.98
CA ILE B 62 11.94 -5.34 -12.76
C ILE B 62 10.87 -5.49 -13.85
N ILE B 63 10.86 -6.64 -14.51
CA ILE B 63 9.91 -6.86 -15.58
C ILE B 63 8.50 -6.83 -15.01
N THR B 64 8.23 -7.53 -13.91
CA THR B 64 6.87 -7.59 -13.39
CA THR B 64 6.87 -7.60 -13.40
C THR B 64 6.45 -6.21 -12.91
N ALA B 65 7.38 -5.44 -12.34
CA ALA B 65 7.10 -4.09 -11.84
C ALA B 65 6.76 -3.11 -12.95
N THR B 66 7.51 -3.15 -14.06
CA THR B 66 7.24 -2.22 -15.15
C THR B 66 5.90 -2.56 -15.79
N GLN B 67 5.51 -3.84 -15.79
CA GLN B 67 4.23 -4.26 -16.32
C GLN B 67 3.11 -3.89 -15.35
N GLU B 68 3.24 -4.23 -14.07
CA GLU B 68 2.18 -3.92 -13.12
C GLU B 68 1.96 -2.42 -13.01
N GLY B 69 3.05 -1.65 -12.91
CA GLY B 69 2.95 -0.25 -12.57
C GLY B 69 2.61 0.64 -13.77
N PHE B 70 3.07 0.28 -14.97
CA PHE B 70 2.97 1.17 -16.11
C PHE B 70 2.41 0.49 -17.36
N ASN B 71 2.15 -0.82 -17.28
CA ASN B 71 1.77 -1.63 -18.44
C ASN B 71 2.83 -1.55 -19.53
N PHE B 72 4.10 -1.54 -19.14
CA PHE B 72 5.18 -1.60 -20.10
C PHE B 72 5.05 -2.93 -20.84
N GLU B 73 5.13 -2.89 -22.17
CA GLU B 73 5.00 -4.09 -22.98
C GLU B 73 6.09 -5.11 -22.62
N ASN B 74 5.70 -6.38 -22.60
CA ASN B 74 6.53 -7.48 -22.10
C ASN B 74 7.88 -7.55 -22.80
N ASN B 75 7.89 -7.54 -24.13
CA ASN B 75 9.13 -7.68 -24.87
C ASN B 75 10.01 -6.47 -24.66
N ALA B 76 9.40 -5.28 -24.60
CA ALA B 76 10.14 -4.06 -24.38
C ALA B 76 10.81 -4.13 -23.02
N ALA B 77 10.08 -4.67 -22.03
CA ALA B 77 10.58 -4.82 -20.67
C ALA B 77 11.76 -5.80 -20.64
N ILE B 78 11.65 -6.85 -21.44
CA ILE B 78 12.69 -7.87 -21.53
C ILE B 78 13.94 -7.28 -22.17
N VAL B 79 13.78 -6.55 -23.29
CA VAL B 79 14.89 -5.94 -23.98
C VAL B 79 15.63 -4.98 -23.06
N ALA B 80 14.89 -4.09 -22.38
CA ALA B 80 15.51 -3.06 -21.56
C ALA B 80 16.14 -3.71 -20.33
N THR B 81 15.45 -4.67 -19.72
CA THR B 81 15.89 -5.18 -18.43
C THR B 81 17.19 -5.97 -18.56
N TYR B 82 17.26 -6.88 -19.54
CA TYR B 82 18.41 -7.77 -19.65
C TYR B 82 19.57 -7.03 -20.30
N LEU B 83 19.30 -6.00 -21.11
CA LEU B 83 20.38 -5.12 -21.54
C LEU B 83 21.04 -4.50 -20.30
N GLY B 84 20.22 -3.90 -19.44
CA GLY B 84 20.73 -3.27 -18.24
C GLY B 84 21.45 -4.27 -17.34
N HIS B 85 20.90 -5.46 -17.21
CA HIS B 85 21.46 -6.47 -16.34
C HIS B 85 22.77 -7.07 -16.88
N LEU B 86 22.81 -7.37 -18.18
CA LEU B 86 24.01 -7.95 -18.77
C LEU B 86 25.20 -7.02 -18.60
N LEU B 87 24.99 -5.73 -18.87
CA LEU B 87 26.05 -4.72 -18.85
C LEU B 87 26.35 -4.24 -17.44
N ASN B 88 25.33 -4.18 -16.57
CA ASN B 88 25.44 -3.41 -15.35
C ASN B 88 25.07 -4.18 -14.10
N GLY B 89 24.61 -5.43 -14.25
CA GLY B 89 24.11 -6.19 -13.12
C GLY B 89 25.12 -7.24 -12.68
N ASN B 90 24.82 -7.84 -11.53
CA ASN B 90 25.62 -8.94 -11.04
C ASN B 90 24.92 -10.22 -11.47
N LEU B 91 25.56 -10.97 -12.40
CA LEU B 91 24.89 -12.09 -13.04
C LEU B 91 24.89 -13.32 -12.13
N VAL B 92 25.78 -13.33 -11.13
CA VAL B 92 25.86 -14.45 -10.21
C VAL B 92 24.75 -14.32 -9.16
N THR B 93 24.57 -13.14 -8.55
CA THR B 93 23.53 -12.95 -7.55
C THR B 93 22.18 -12.64 -8.19
N ASP B 94 22.18 -12.30 -9.50
CA ASP B 94 20.97 -11.96 -10.23
C ASP B 94 20.35 -10.66 -9.73
N LEU B 95 21.18 -9.66 -9.38
CA LEU B 95 20.69 -8.40 -8.85
C LEU B 95 21.31 -7.24 -9.65
N LEU B 96 20.47 -6.22 -9.89
CA LEU B 96 20.85 -5.02 -10.62
C LEU B 96 20.45 -3.80 -9.78
N SER B 97 21.41 -2.89 -9.61
CA SER B 97 21.17 -1.58 -9.04
C SER B 97 20.58 -0.67 -10.11
N ILE B 98 19.49 0.02 -9.77
CA ILE B 98 18.88 0.92 -10.73
C ILE B 98 19.63 2.25 -10.72
N GLY B 99 20.66 2.34 -9.89
CA GLY B 99 21.47 3.54 -9.81
C GLY B 99 22.96 3.19 -9.88
N GLY B 100 23.68 3.51 -8.80
CA GLY B 100 25.12 3.37 -8.77
C GLY B 100 25.54 2.11 -8.02
N ALA B 101 26.84 2.04 -7.73
CA ALA B 101 27.43 0.89 -7.06
C ALA B 101 26.86 0.76 -5.64
N THR B 102 26.68 -0.49 -5.20
CA THR B 102 26.15 -0.75 -3.90
C THR B 102 26.59 -2.15 -3.48
N PRO B 103 26.92 -2.38 -2.20
CA PRO B 103 27.16 -3.74 -1.70
C PRO B 103 25.94 -4.65 -1.80
N LYS B 104 24.74 -4.06 -1.93
CA LYS B 104 23.50 -4.83 -1.99
C LYS B 104 23.42 -5.72 -3.24
N THR B 105 24.24 -5.51 -4.27
CA THR B 105 24.23 -6.42 -5.41
C THR B 105 25.12 -7.64 -5.14
N GLY B 106 25.84 -7.63 -4.01
CA GLY B 106 26.64 -8.76 -3.58
C GLY B 106 28.11 -8.63 -3.99
N PRO B 107 28.90 -9.73 -3.84
CA PRO B 107 30.32 -9.75 -4.24
C PRO B 107 30.61 -9.32 -5.67
N PRO B 108 31.49 -8.31 -5.90
CA PRO B 108 31.70 -7.78 -7.23
C PRO B 108 32.21 -8.87 -8.19
N PRO B 109 31.89 -8.78 -9.49
CA PRO B 109 32.44 -9.71 -10.48
C PRO B 109 33.91 -9.38 -10.79
N PRO B 110 34.64 -10.29 -11.45
CA PRO B 110 36.03 -10.03 -11.87
C PRO B 110 36.13 -8.90 -12.89
N PRO B 111 37.02 -7.89 -12.69
CA PRO B 111 37.20 -6.83 -13.67
C PRO B 111 37.57 -7.46 -15.00
N PRO B 112 37.28 -6.84 -16.18
CA PRO B 112 36.72 -5.49 -16.28
C PRO B 112 35.23 -5.27 -16.00
N ALA B 113 34.50 -6.35 -15.68
CA ALA B 113 33.09 -6.25 -15.33
C ALA B 113 32.96 -5.59 -13.95
N HIS B 114 31.81 -4.96 -13.71
CA HIS B 114 31.68 -4.02 -12.60
C HIS B 114 30.40 -4.19 -11.80
N ALA B 115 29.29 -4.60 -12.43
CA ALA B 115 27.98 -4.60 -11.80
C ALA B 115 27.70 -3.26 -11.10
N GLY B 116 27.96 -2.17 -11.80
CA GLY B 116 27.99 -0.85 -11.20
C GLY B 116 26.64 -0.11 -11.33
N GLY B 117 25.66 -0.76 -11.97
CA GLY B 117 24.30 -0.27 -12.00
C GLY B 117 24.03 0.58 -13.24
N LEU B 118 22.79 1.08 -13.36
CA LEU B 118 22.35 1.81 -14.54
C LEU B 118 23.05 3.16 -14.66
N ASN B 119 23.70 3.64 -13.61
CA ASN B 119 24.47 4.88 -13.67
C ASN B 119 25.69 4.77 -14.57
N VAL B 120 26.21 3.55 -14.80
CA VAL B 120 27.44 3.41 -15.57
C VAL B 120 27.25 3.95 -17.00
N HIS B 121 28.15 4.86 -17.38
CA HIS B 121 28.05 5.62 -18.63
C HIS B 121 28.71 4.88 -19.78
N GLY B 122 28.15 5.02 -21.00
CA GLY B 122 28.94 4.85 -22.20
C GLY B 122 28.52 3.66 -23.08
N THR B 123 27.84 2.65 -22.52
CA THR B 123 27.33 1.56 -23.34
C THR B 123 25.80 1.53 -23.29
N PHE B 124 25.20 1.71 -22.09
CA PHE B 124 23.76 1.88 -22.00
C PHE B 124 23.38 3.35 -21.79
N GLU B 125 23.47 3.84 -20.54
CA GLU B 125 23.20 5.24 -20.23
C GLU B 125 24.08 6.13 -21.12
N GLY B 126 23.51 7.23 -21.60
CA GLY B 126 24.25 8.18 -22.43
C GLY B 126 23.59 9.57 -22.47
N ASP B 127 23.89 10.30 -23.54
CA ASP B 127 23.85 11.76 -23.54
C ASP B 127 22.54 12.28 -24.15
N ALA B 128 22.28 13.57 -23.94
CA ALA B 128 21.15 14.26 -24.54
C ALA B 128 19.83 13.78 -23.93
N GLY B 129 19.83 13.49 -22.64
CA GLY B 129 18.61 13.16 -21.95
C GLY B 129 17.75 14.40 -21.72
N MET B 130 16.53 14.17 -21.25
CA MET B 130 15.53 15.21 -21.07
C MET B 130 15.70 15.96 -19.75
N THR B 131 15.90 15.22 -18.66
CA THR B 131 15.96 15.82 -17.32
C THR B 131 17.26 15.45 -16.61
N ARG B 132 18.15 14.72 -17.27
CA ARG B 132 19.47 14.40 -16.71
C ARG B 132 20.53 14.97 -17.64
N ALA B 133 21.60 15.52 -17.04
CA ALA B 133 22.70 16.13 -17.78
C ALA B 133 23.67 15.04 -18.23
N ASP B 134 24.39 15.31 -19.33
CA ASP B 134 25.43 14.43 -19.83
C ASP B 134 26.45 14.16 -18.73
N GLU B 135 27.02 12.94 -18.74
CA GLU B 135 28.01 12.49 -17.78
C GLU B 135 29.25 13.39 -17.77
N PHE B 136 29.61 13.94 -18.93
CA PHE B 136 30.77 14.83 -19.03
C PHE B 136 30.69 15.96 -18.00
N PHE B 137 29.47 16.44 -17.69
CA PHE B 137 29.31 17.58 -16.81
C PHE B 137 29.32 17.16 -15.33
N GLY B 138 29.41 15.87 -15.02
CA GLY B 138 29.69 15.44 -13.66
C GLY B 138 28.57 14.62 -12.98
N ASP B 139 27.36 14.57 -13.54
CA ASP B 139 26.25 13.90 -12.87
C ASP B 139 25.21 13.49 -13.91
N ASN B 140 25.17 12.18 -14.19
CA ASN B 140 24.34 11.65 -15.24
C ASN B 140 23.05 11.06 -14.68
N HIS B 141 22.82 11.18 -13.37
CA HIS B 141 21.72 10.45 -12.73
C HIS B 141 20.71 11.38 -12.04
N SER B 142 21.15 12.52 -11.51
CA SER B 142 20.30 13.42 -10.77
C SER B 142 19.35 14.18 -11.69
N PHE B 143 18.16 14.47 -11.18
CA PHE B 143 17.26 15.40 -11.82
C PHE B 143 17.94 16.77 -11.92
N ASN B 144 17.75 17.44 -13.05
CA ASN B 144 18.36 18.72 -13.34
C ASN B 144 17.27 19.73 -13.69
N GLN B 145 17.08 20.73 -12.81
CA GLN B 145 15.99 21.67 -12.91
C GLN B 145 16.12 22.51 -14.18
N THR B 146 17.34 22.89 -14.55
CA THR B 146 17.55 23.70 -15.74
C THR B 146 17.07 22.94 -16.98
N LEU B 147 17.33 21.63 -17.04
CA LEU B 147 16.87 20.84 -18.15
C LEU B 147 15.33 20.68 -18.14
N PHE B 148 14.76 20.52 -16.96
CA PHE B 148 13.32 20.44 -16.83
C PHE B 148 12.69 21.77 -17.24
N ASP B 149 13.35 22.90 -16.94
CA ASP B 149 12.83 24.19 -17.37
C ASP B 149 12.72 24.25 -18.90
N LYS B 150 13.68 23.66 -19.59
CA LYS B 150 13.66 23.61 -21.05
C LYS B 150 12.55 22.69 -21.53
N PHE B 151 12.32 21.58 -20.82
CA PHE B 151 11.19 20.71 -21.10
C PHE B 151 9.88 21.51 -21.03
N VAL B 152 9.75 22.35 -19.99
CA VAL B 152 8.56 23.16 -19.78
C VAL B 152 8.47 24.17 -20.93
N ASP B 153 9.59 24.81 -21.24
CA ASP B 153 9.61 25.85 -22.27
C ASP B 153 9.12 25.26 -23.60
N PHE B 154 9.69 24.11 -23.99
CA PHE B 154 9.33 23.51 -25.26
C PHE B 154 7.88 23.06 -25.23
N SER B 155 7.38 22.61 -24.09
CA SER B 155 5.97 22.24 -23.99
C SER B 155 5.09 23.48 -24.20
N ASN B 156 5.51 24.62 -23.65
CA ASN B 156 4.79 25.87 -23.82
C ASN B 156 4.80 26.25 -25.31
N ARG B 157 5.95 26.09 -25.97
CA ARG B 157 6.16 26.60 -27.31
C ARG B 157 5.50 25.72 -28.37
N TYR B 158 5.40 24.40 -28.14
CA TYR B 158 4.94 23.49 -29.17
C TYR B 158 3.74 22.64 -28.76
N GLY B 159 3.36 22.64 -27.47
CA GLY B 159 2.34 21.71 -26.99
C GLY B 159 1.25 22.35 -26.15
N GLY B 160 1.07 23.67 -26.28
CA GLY B 160 0.02 24.37 -25.56
C GLY B 160 0.19 24.28 -24.05
N GLY B 161 1.43 24.06 -23.57
CA GLY B 161 1.74 23.94 -22.16
C GLY B 161 1.81 22.49 -21.67
N PHE B 162 1.61 21.55 -22.60
CA PHE B 162 1.62 20.12 -22.32
C PHE B 162 2.70 19.45 -23.17
N TYR B 163 3.21 18.31 -22.67
CA TYR B 163 4.16 17.55 -23.43
C TYR B 163 3.38 16.56 -24.28
N ASN B 164 3.61 16.65 -25.59
CA ASN B 164 2.98 15.76 -26.54
C ASN B 164 3.99 15.45 -27.63
N LEU B 165 3.53 14.72 -28.65
CA LEU B 165 4.45 14.13 -29.60
C LEU B 165 5.18 15.20 -30.42
N THR B 166 4.52 16.34 -30.68
CA THR B 166 5.15 17.44 -31.40
C THR B 166 6.30 18.02 -30.56
N VAL B 167 6.05 18.23 -29.27
CA VAL B 167 7.06 18.72 -28.34
C VAL B 167 8.24 17.76 -28.34
N ALA B 168 7.96 16.45 -28.24
CA ALA B 168 9.00 15.43 -28.20
C ALA B 168 9.96 15.59 -29.38
N GLY B 169 9.40 15.75 -30.58
CA GLY B 169 10.24 15.91 -31.77
C GLY B 169 11.19 17.10 -31.66
N GLU B 170 10.66 18.22 -31.19
CA GLU B 170 11.44 19.45 -31.07
C GLU B 170 12.47 19.30 -29.95
N LEU B 171 12.03 18.80 -28.79
CA LEU B 171 12.92 18.77 -27.64
C LEU B 171 14.09 17.84 -27.95
N ARG B 172 13.83 16.71 -28.59
CA ARG B 172 14.85 15.69 -28.76
C ARG B 172 16.00 16.27 -29.60
N TYR B 173 15.63 16.93 -30.69
CA TYR B 173 16.58 17.55 -31.58
C TYR B 173 17.36 18.65 -30.86
N SER B 174 16.64 19.52 -30.15
CA SER B 174 17.30 20.62 -29.47
C SER B 174 18.31 20.11 -28.45
N ARG B 175 17.97 19.03 -27.72
CA ARG B 175 18.88 18.48 -26.70
C ARG B 175 20.13 17.91 -27.37
N ILE B 176 19.96 17.34 -28.56
CA ILE B 176 21.11 16.88 -29.33
C ILE B 176 22.03 18.06 -29.63
N GLN B 177 21.45 19.15 -30.15
CA GLN B 177 22.21 20.36 -30.43
C GLN B 177 22.92 20.90 -29.18
N ASP B 178 22.24 20.97 -28.02
CA ASP B 178 22.90 21.39 -26.78
C ASP B 178 24.18 20.60 -26.54
N SER B 179 24.10 19.28 -26.73
CA SER B 179 25.21 18.39 -26.40
C SER B 179 26.34 18.55 -27.42
N ILE B 180 25.99 18.74 -28.69
CA ILE B 180 26.97 19.01 -29.73
C ILE B 180 27.77 20.27 -29.36
N ALA B 181 27.05 21.33 -28.95
CA ALA B 181 27.65 22.63 -28.72
C ALA B 181 28.49 22.66 -27.44
N THR B 182 28.21 21.79 -26.46
CA THR B 182 28.75 22.01 -25.13
C THR B 182 29.53 20.80 -24.62
N ASN B 183 29.38 19.64 -25.24
CA ASN B 183 29.95 18.42 -24.68
C ASN B 183 30.93 17.85 -25.69
N PRO B 184 32.25 18.02 -25.46
CA PRO B 184 33.26 17.55 -26.41
C PRO B 184 33.38 16.03 -26.51
N GLU B 185 32.84 15.29 -25.54
CA GLU B 185 32.84 13.84 -25.57
C GLU B 185 31.47 13.27 -25.97
N PHE B 186 30.57 14.13 -26.47
CA PHE B 186 29.23 13.72 -26.86
C PHE B 186 29.26 12.52 -27.81
N GLN B 187 28.57 11.45 -27.42
CA GLN B 187 28.35 10.27 -28.24
C GLN B 187 26.85 10.05 -28.41
N PHE B 188 26.41 9.78 -29.64
CA PHE B 188 25.00 9.53 -29.89
C PHE B 188 24.86 8.38 -30.90
N LYS B 189 25.29 7.19 -30.50
CA LYS B 189 25.33 6.05 -31.42
C LYS B 189 25.00 4.75 -30.69
N ASN B 190 24.83 3.68 -31.46
CA ASN B 190 24.61 2.35 -30.92
C ASN B 190 23.39 2.38 -30.00
N VAL B 191 23.55 1.92 -28.75
CA VAL B 191 22.42 1.76 -27.87
C VAL B 191 21.75 3.11 -27.67
N ARG B 192 22.55 4.14 -27.41
CA ARG B 192 22.01 5.42 -27.01
C ARG B 192 21.17 6.03 -28.12
N PHE B 193 21.58 5.82 -29.36
CA PHE B 193 20.85 6.38 -30.48
C PHE B 193 19.46 5.78 -30.50
N ILE B 194 19.33 4.47 -30.22
CA ILE B 194 18.04 3.82 -30.28
C ILE B 194 17.21 4.21 -29.05
N THR B 195 17.79 4.16 -27.84
CA THR B 195 17.04 4.38 -26.62
C THR B 195 16.60 5.83 -26.49
N ALA B 196 17.33 6.77 -27.11
CA ALA B 196 17.05 8.18 -26.96
C ALA B 196 15.73 8.57 -27.59
N TYR B 197 15.29 7.86 -28.63
CA TYR B 197 14.04 8.19 -29.28
C TYR B 197 12.89 7.58 -28.48
N GLY B 198 13.05 6.33 -28.05
CA GLY B 198 12.05 5.68 -27.24
C GLY B 198 11.75 6.44 -25.94
N GLU B 199 12.80 6.96 -25.29
CA GLU B 199 12.62 7.58 -23.99
CA GLU B 199 12.65 7.60 -24.00
C GLU B 199 11.78 8.85 -24.15
N THR B 200 11.76 9.45 -25.34
CA THR B 200 11.06 10.72 -25.50
C THR B 200 9.57 10.48 -25.65
N VAL B 201 9.15 9.25 -25.99
CA VAL B 201 7.73 8.97 -26.11
C VAL B 201 7.19 8.23 -24.88
N PHE B 202 8.06 7.67 -24.04
CA PHE B 202 7.61 7.01 -22.83
C PHE B 202 6.70 7.93 -22.01
N PRO B 203 7.04 9.23 -21.83
CA PRO B 203 6.16 10.10 -21.04
C PRO B 203 4.75 10.18 -21.59
N ILE B 204 4.61 10.10 -22.91
CA ILE B 204 3.32 10.21 -23.57
C ILE B 204 2.54 8.91 -23.44
N ASN B 205 3.20 7.78 -23.71
CA ASN B 205 2.51 6.52 -23.76
C ASN B 205 2.32 5.93 -22.38
N LEU B 206 3.17 6.30 -21.40
CA LEU B 206 3.16 5.61 -20.12
C LEU B 206 2.90 6.54 -18.94
N PHE B 207 3.23 7.83 -19.04
CA PHE B 207 3.11 8.71 -17.89
C PHE B 207 1.77 9.42 -17.93
N VAL B 208 1.13 9.42 -19.09
CA VAL B 208 -0.22 9.92 -19.23
C VAL B 208 -1.18 8.86 -18.72
N ASP B 209 -2.13 9.29 -17.91
CA ASP B 209 -3.10 8.42 -17.29
C ASP B 209 -3.81 7.60 -18.36
N GLY B 210 -4.06 6.32 -18.06
CA GLY B 210 -4.61 5.40 -19.03
C GLY B 210 -6.07 5.65 -19.39
N ARG B 211 -6.78 6.39 -18.53
CA ARG B 211 -8.16 6.75 -18.78
C ARG B 211 -8.23 7.88 -19.81
N VAL B 212 -7.12 8.55 -20.11
CA VAL B 212 -7.08 9.53 -21.19
C VAL B 212 -6.87 8.78 -22.50
N THR B 213 -7.93 8.64 -23.32
CA THR B 213 -7.86 7.83 -24.54
C THR B 213 -7.52 8.72 -25.74
N THR B 214 -7.81 10.02 -25.63
CA THR B 214 -7.77 10.94 -26.74
C THR B 214 -6.84 12.13 -26.45
N ASP B 215 -5.99 12.48 -27.43
CA ASP B 215 -5.20 13.70 -27.34
C ASP B 215 -4.27 13.59 -26.13
N ARG B 216 -3.42 12.56 -26.15
CA ARG B 216 -2.61 12.21 -24.99
C ARG B 216 -1.51 13.25 -24.84
N LYS B 217 -1.43 13.81 -23.64
CA LYS B 217 -0.48 14.87 -23.37
C LYS B 217 -0.20 14.86 -21.88
N LEU B 218 1.04 15.23 -21.52
CA LEU B 218 1.44 15.18 -20.13
C LEU B 218 1.48 16.60 -19.55
N SER B 219 0.85 16.80 -18.39
CA SER B 219 0.97 18.08 -17.68
C SER B 219 2.35 18.19 -17.06
N MET B 220 2.76 19.43 -16.80
CA MET B 220 4.05 19.69 -16.19
C MET B 220 4.07 19.28 -14.71
N GLU B 221 2.91 19.33 -14.04
CA GLU B 221 2.77 18.86 -12.67
C GLU B 221 3.06 17.35 -12.59
N ASP B 222 2.49 16.59 -13.54
CA ASP B 222 2.64 15.14 -13.56
C ASP B 222 4.07 14.79 -13.96
N ALA B 223 4.61 15.51 -14.94
CA ALA B 223 6.01 15.34 -15.29
C ALA B 223 6.92 15.60 -14.08
N ALA B 224 6.70 16.69 -13.34
CA ALA B 224 7.59 16.99 -12.23
C ALA B 224 7.48 15.89 -11.18
N SER B 225 6.25 15.46 -10.94
CA SER B 225 5.99 14.45 -9.92
C SER B 225 6.84 13.21 -10.19
N ILE B 226 6.90 12.78 -11.45
CA ILE B 226 7.56 11.54 -11.81
C ILE B 226 9.07 11.75 -11.97
N PHE B 227 9.44 12.74 -12.78
CA PHE B 227 10.84 12.98 -13.10
C PHE B 227 11.64 13.47 -11.89
N ARG B 228 11.03 14.31 -11.06
CA ARG B 228 11.75 14.90 -9.94
C ARG B 228 11.45 14.13 -8.66
N ASP B 229 10.18 13.88 -8.34
CA ASP B 229 9.85 13.37 -7.02
C ASP B 229 9.73 11.84 -6.98
N MET B 230 9.76 11.16 -8.15
CA MET B 230 9.65 9.72 -8.19
CA MET B 230 9.65 9.71 -8.20
C MET B 230 8.31 9.27 -7.63
N ARG B 231 7.27 10.06 -7.94
CA ARG B 231 5.95 9.89 -7.36
CA ARG B 231 5.95 9.89 -7.36
C ARG B 231 4.93 9.83 -8.48
N PHE B 232 4.05 8.82 -8.43
CA PHE B 232 2.91 8.75 -9.32
C PHE B 232 1.98 9.92 -9.05
N PRO B 233 1.34 10.50 -10.09
CA PRO B 233 0.26 11.45 -9.86
C PRO B 233 -0.81 10.81 -8.98
N ASP B 234 -1.54 11.64 -8.24
CA ASP B 234 -2.64 11.15 -7.44
C ASP B 234 -3.60 10.37 -8.34
N ASP B 235 -4.07 9.23 -7.82
CA ASP B 235 -5.07 8.45 -8.52
C ASP B 235 -4.60 7.98 -9.90
N PHE B 236 -3.29 7.75 -10.06
CA PHE B 236 -2.77 7.43 -11.38
C PHE B 236 -3.21 6.04 -11.83
N HIS B 237 -3.71 5.99 -13.07
CA HIS B 237 -4.11 4.73 -13.67
C HIS B 237 -3.18 4.47 -14.84
N ARG B 238 -2.64 3.26 -14.91
CA ARG B 238 -1.69 2.93 -15.94
C ARG B 238 -2.37 2.89 -17.30
N SER B 239 -1.54 2.90 -18.35
CA SER B 239 -1.99 2.72 -19.71
C SER B 239 -3.00 1.57 -19.82
N ALA B 240 -3.98 1.74 -20.73
CA ALA B 240 -5.06 0.79 -20.83
C ALA B 240 -4.65 -0.40 -21.70
N VAL B 241 -3.51 -0.29 -22.38
CA VAL B 241 -2.92 -1.36 -23.17
C VAL B 241 -1.42 -1.40 -22.90
N PRO B 242 -0.79 -2.58 -23.02
CA PRO B 242 0.68 -2.66 -22.98
C PRO B 242 1.23 -1.65 -23.98
N ALA B 243 2.26 -0.91 -23.59
CA ALA B 243 2.82 0.08 -24.48
C ALA B 243 4.31 0.24 -24.24
N SER B 244 4.96 0.91 -25.19
CA SER B 244 6.38 1.22 -25.07
C SER B 244 6.70 2.45 -25.92
N ASN B 245 7.19 2.23 -27.14
CA ASN B 245 7.84 3.28 -27.91
C ASN B 245 7.03 3.69 -29.14
N GLU B 246 5.70 3.51 -29.11
CA GLU B 246 4.83 4.01 -30.16
C GLU B 246 5.07 5.51 -30.37
N GLY B 247 5.32 5.89 -31.64
CA GLY B 247 5.52 7.28 -32.04
C GLY B 247 7.00 7.65 -32.13
N ALA B 248 7.92 6.77 -31.72
CA ALA B 248 9.34 7.13 -31.73
C ALA B 248 9.82 7.42 -33.16
N ASP B 249 9.24 6.70 -34.13
CA ASP B 249 9.48 6.91 -35.55
C ASP B 249 9.17 8.36 -35.96
N GLN B 250 8.05 8.90 -35.47
CA GLN B 250 7.66 10.25 -35.82
C GLN B 250 8.57 11.29 -35.20
N VAL B 251 9.14 10.98 -34.01
CA VAL B 251 10.04 11.90 -33.35
C VAL B 251 11.29 12.03 -34.20
N LEU B 252 11.79 10.91 -34.72
CA LEU B 252 12.95 10.93 -35.60
C LEU B 252 12.61 11.66 -36.90
N ALA B 253 11.41 11.43 -37.44
CA ALA B 253 11.03 12.00 -38.73
C ALA B 253 10.94 13.54 -38.66
N ALA B 254 10.55 14.10 -37.52
CA ALA B 254 10.47 15.55 -37.35
C ALA B 254 11.82 16.24 -37.59
N HIS B 255 12.92 15.59 -37.21
CA HIS B 255 14.26 16.13 -37.41
C HIS B 255 15.23 14.98 -37.67
N PRO B 256 15.26 14.44 -38.91
CA PRO B 256 16.11 13.30 -39.25
C PRO B 256 17.54 13.51 -38.74
N TRP B 257 18.09 12.43 -38.19
CA TRP B 257 19.37 12.51 -37.52
C TRP B 257 20.09 11.17 -37.63
N VAL B 258 21.42 11.24 -37.62
CA VAL B 258 22.24 10.10 -37.95
C VAL B 258 23.16 9.83 -36.76
N PRO B 259 23.31 8.56 -36.34
CA PRO B 259 24.20 8.25 -35.23
C PRO B 259 25.60 8.79 -35.49
N GLY B 260 26.29 9.14 -34.41
CA GLY B 260 27.65 9.63 -34.48
C GLY B 260 28.07 10.23 -33.15
N GLY B 261 28.98 11.21 -33.21
CA GLY B 261 29.50 11.85 -32.02
C GLY B 261 30.42 13.02 -32.36
N ASN B 262 30.76 13.80 -31.32
CA ASN B 262 31.77 14.83 -31.44
C ASN B 262 33.13 14.15 -31.52
N ALA B 263 33.88 14.39 -32.60
CA ALA B 263 35.21 13.79 -32.76
C ALA B 263 36.28 14.68 -32.14
N ASP B 264 37.36 14.04 -31.70
CA ASP B 264 38.63 14.68 -31.37
C ASP B 264 38.49 15.66 -30.22
N ASN B 265 37.63 15.33 -29.23
CA ASN B 265 37.51 16.12 -28.00
C ASN B 265 37.21 17.58 -28.31
N GLN B 266 36.32 17.84 -29.29
CA GLN B 266 35.94 19.20 -29.65
C GLN B 266 34.43 19.32 -29.76
N VAL B 267 33.89 20.45 -29.33
CA VAL B 267 32.50 20.78 -29.57
C VAL B 267 32.28 21.15 -31.03
N ASN B 268 31.00 21.23 -31.40
CA ASN B 268 30.55 21.56 -32.75
C ASN B 268 31.35 20.79 -33.80
N ASN B 269 31.52 19.48 -33.58
CA ASN B 269 32.35 18.68 -34.45
C ASN B 269 31.75 17.27 -34.59
N TYR B 270 30.47 17.22 -34.97
CA TYR B 270 29.74 15.95 -35.03
C TYR B 270 30.09 15.21 -36.33
N VAL B 271 30.59 13.99 -36.18
CA VAL B 271 30.93 13.10 -37.28
C VAL B 271 30.02 11.88 -37.22
N GLU B 272 29.50 11.46 -38.37
CA GLU B 272 28.58 10.34 -38.45
C GLU B 272 29.33 9.02 -38.30
N ASP B 273 28.66 8.02 -37.69
CA ASP B 273 29.15 6.64 -37.63
C ASP B 273 28.27 5.77 -38.53
N PRO B 274 28.77 5.33 -39.70
CA PRO B 274 27.97 4.49 -40.60
C PRO B 274 27.79 3.03 -40.17
N ASP B 275 28.58 2.57 -39.19
CA ASP B 275 28.52 1.20 -38.66
C ASP B 275 27.53 1.06 -37.49
N SER B 276 27.06 2.17 -36.94
CA SER B 276 26.17 2.16 -35.80
C SER B 276 24.84 1.51 -36.17
N ALA B 277 24.21 0.90 -35.17
CA ALA B 277 22.79 0.59 -35.29
C ALA B 277 21.99 1.85 -35.61
N ASP B 278 20.88 1.67 -36.33
CA ASP B 278 19.87 2.71 -36.47
C ASP B 278 18.51 2.02 -36.57
N PHE B 279 17.45 2.75 -36.94
CA PHE B 279 16.11 2.23 -36.81
C PHE B 279 15.77 1.24 -37.93
N THR B 280 16.58 1.21 -39.00
CA THR B 280 16.41 0.20 -40.03
C THR B 280 17.48 -0.89 -39.91
N HIS B 281 18.35 -0.80 -38.89
CA HIS B 281 19.42 -1.76 -38.67
C HIS B 281 19.48 -2.12 -37.18
N LEU B 282 18.36 -2.58 -36.62
CA LEU B 282 18.25 -2.81 -35.19
C LEU B 282 19.11 -3.96 -34.70
N CYS B 283 19.33 -4.97 -35.57
CA CYS B 283 20.09 -6.14 -35.15
C CYS B 283 21.55 -5.78 -34.89
N ARG B 284 22.06 -4.68 -35.45
CA ARG B 284 23.38 -4.22 -35.09
C ARG B 284 23.48 -3.92 -33.60
N LEU B 285 22.38 -3.41 -33.01
CA LEU B 285 22.38 -3.12 -31.59
C LEU B 285 22.64 -4.42 -30.83
N TYR B 286 21.97 -5.50 -31.27
CA TYR B 286 22.09 -6.80 -30.63
C TYR B 286 23.53 -7.30 -30.74
N GLU B 287 24.10 -7.28 -31.93
CA GLU B 287 25.49 -7.70 -32.16
C GLU B 287 26.46 -6.85 -31.34
N PHE B 288 26.26 -5.52 -31.35
CA PHE B 288 27.13 -4.60 -30.62
C PHE B 288 27.16 -4.99 -29.14
N VAL B 289 25.96 -5.22 -28.56
CA VAL B 289 25.86 -5.49 -27.14
C VAL B 289 26.46 -6.83 -26.80
N VAL B 290 26.25 -7.84 -27.65
CA VAL B 290 26.89 -9.14 -27.42
C VAL B 290 28.41 -9.00 -27.39
N GLY B 291 28.97 -8.25 -28.35
CA GLY B 291 30.37 -7.85 -28.31
C GLY B 291 30.75 -7.19 -26.96
N SER B 292 29.98 -6.20 -26.52
CA SER B 292 30.28 -5.48 -25.29
C SER B 292 30.30 -6.44 -24.10
N VAL B 293 29.39 -7.41 -24.08
CA VAL B 293 29.35 -8.37 -23.00
C VAL B 293 30.63 -9.21 -22.99
N GLN B 294 31.15 -9.54 -24.18
CA GLN B 294 32.37 -10.31 -24.26
C GLN B 294 33.56 -9.51 -23.74
N GLU B 295 33.60 -8.20 -23.97
CA GLU B 295 34.65 -7.35 -23.42
C GLU B 295 34.58 -7.35 -21.89
N LEU B 296 33.38 -7.33 -21.31
CA LEU B 296 33.23 -7.33 -19.85
C LEU B 296 33.60 -8.70 -19.29
N TYR B 297 33.26 -9.76 -20.02
CA TYR B 297 33.46 -11.12 -19.54
C TYR B 297 34.24 -11.93 -20.59
N PRO B 298 35.58 -11.76 -20.70
CA PRO B 298 36.33 -12.42 -21.77
C PRO B 298 36.47 -13.95 -21.62
N ASN B 299 36.51 -14.46 -20.39
CA ASN B 299 36.71 -15.87 -20.17
C ASN B 299 36.05 -16.29 -18.86
N PRO B 300 34.70 -16.22 -18.74
CA PRO B 300 34.03 -16.61 -17.51
C PRO B 300 33.99 -18.13 -17.36
N THR B 301 33.87 -18.60 -16.12
CA THR B 301 33.70 -20.02 -15.83
C THR B 301 32.61 -20.17 -14.78
N GLY B 302 32.23 -21.41 -14.50
CA GLY B 302 31.32 -21.73 -13.39
C GLY B 302 29.94 -21.10 -13.56
N ILE B 303 29.37 -20.64 -12.44
CA ILE B 303 28.02 -20.11 -12.40
C ILE B 303 27.95 -18.84 -13.23
N LEU B 304 29.00 -18.03 -13.23
CA LEU B 304 29.03 -16.81 -14.01
C LEU B 304 28.83 -17.13 -15.48
N ARG B 305 29.56 -18.13 -15.98
CA ARG B 305 29.47 -18.51 -17.38
C ARG B 305 28.03 -18.98 -17.68
N ARG B 306 27.54 -19.83 -16.80
CA ARG B 306 26.22 -20.40 -16.99
C ARG B 306 25.15 -19.31 -16.99
N ASN B 307 25.26 -18.34 -16.07
CA ASN B 307 24.25 -17.30 -15.96
C ASN B 307 24.37 -16.34 -17.13
N LEU B 308 25.59 -16.11 -17.64
CA LEU B 308 25.76 -15.31 -18.85
C LEU B 308 24.96 -15.95 -19.99
N ILE B 309 25.11 -17.24 -20.16
CA ILE B 309 24.50 -17.94 -21.26
C ILE B 309 22.97 -17.80 -21.19
N LYS B 310 22.43 -17.98 -19.99
CA LYS B 310 21.00 -17.90 -19.79
C LYS B 310 20.45 -16.48 -20.01
N ASN B 311 21.10 -15.48 -19.39
CA ASN B 311 20.67 -14.10 -19.53
C ASN B 311 20.77 -13.66 -20.98
N LEU B 312 21.80 -14.11 -21.69
CA LEU B 312 21.95 -13.74 -23.09
C LEU B 312 20.76 -14.29 -23.87
N HIS B 313 20.39 -15.54 -23.55
CA HIS B 313 19.25 -16.18 -24.20
C HIS B 313 17.95 -15.45 -23.86
N TYR B 314 17.75 -15.15 -22.58
CA TYR B 314 16.54 -14.43 -22.18
C TYR B 314 16.44 -13.11 -22.93
N TRP B 315 17.58 -12.41 -23.06
CA TRP B 315 17.58 -11.14 -23.73
C TRP B 315 17.12 -11.34 -25.17
N TRP B 316 17.66 -12.38 -25.80
CA TRP B 316 17.35 -12.64 -27.19
C TRP B 316 15.87 -12.90 -27.38
N THR B 317 15.22 -13.56 -26.41
CA THR B 317 13.80 -13.87 -26.59
C THR B 317 13.04 -12.57 -26.83
N GLY B 318 13.38 -11.51 -26.12
CA GLY B 318 12.73 -10.23 -26.30
C GLY B 318 13.21 -9.51 -27.55
N VAL B 319 14.53 -9.53 -27.79
CA VAL B 319 15.13 -8.83 -28.92
C VAL B 319 14.52 -9.37 -30.21
N ASN B 320 14.33 -10.69 -30.26
CA ASN B 320 13.90 -11.35 -31.48
C ASN B 320 12.55 -10.82 -31.94
N VAL B 321 11.63 -10.65 -30.97
CA VAL B 321 10.33 -10.08 -31.26
C VAL B 321 10.45 -8.56 -31.48
N ALA B 322 11.04 -7.83 -30.52
CA ALA B 322 11.05 -6.37 -30.59
C ALA B 322 11.78 -5.85 -31.83
N PHE B 323 12.86 -6.53 -32.27
CA PHE B 323 13.65 -6.01 -33.37
C PHE B 323 13.26 -6.68 -34.70
N GLY B 324 12.23 -7.52 -34.69
CA GLY B 324 11.69 -8.11 -35.91
C GLY B 324 12.56 -9.24 -36.49
N GLY B 325 13.27 -9.99 -35.63
CA GLY B 325 14.03 -11.18 -36.02
C GLY B 325 15.53 -10.90 -36.09
N CYS B 326 16.30 -11.45 -35.14
CA CYS B 326 17.76 -11.37 -35.13
C CYS B 326 18.29 -12.79 -34.92
N ASP B 327 19.40 -13.12 -35.59
CA ASP B 327 20.01 -14.43 -35.42
C ASP B 327 20.64 -14.50 -34.04
N GLU B 328 20.30 -15.52 -33.25
CA GLU B 328 20.82 -15.64 -31.90
C GLU B 328 22.31 -15.94 -31.95
N LEU B 329 23.06 -15.25 -31.09
CA LEU B 329 24.49 -15.47 -30.96
C LEU B 329 24.73 -16.22 -29.65
N PHE B 330 25.78 -17.05 -29.65
CA PHE B 330 26.13 -17.87 -28.50
C PHE B 330 27.62 -17.70 -28.22
N PRO B 331 28.05 -16.50 -27.73
CA PRO B 331 29.48 -16.25 -27.56
C PRO B 331 30.15 -17.17 -26.55
N TYR B 332 29.37 -17.85 -25.72
CA TYR B 332 29.92 -18.77 -24.75
C TYR B 332 29.41 -20.19 -24.99
N GLY B 333 28.91 -20.45 -26.20
CA GLY B 333 28.33 -21.75 -26.50
C GLY B 333 27.01 -21.95 -25.76
N GLN B 334 26.65 -23.22 -25.56
CA GLN B 334 25.34 -23.60 -25.04
C GLN B 334 25.53 -24.33 -23.72
N LEU B 335 24.46 -24.48 -22.94
CA LEU B 335 24.50 -25.12 -21.64
C LEU B 335 24.80 -26.62 -21.78
N GLN C 1 -18.01 -3.49 -14.29
CA GLN C 1 -19.18 -2.95 -13.54
C GLN C 1 -19.27 -3.65 -12.18
N GLY C 2 -20.00 -4.77 -12.12
CA GLY C 2 -20.22 -5.52 -10.89
C GLY C 2 -21.59 -6.18 -10.83
N VAL C 3 -21.82 -6.90 -9.72
CA VAL C 3 -23.05 -7.64 -9.51
C VAL C 3 -23.58 -7.30 -8.13
N ASP C 4 -24.91 -7.37 -7.93
CA ASP C 4 -25.52 -7.26 -6.61
C ASP C 4 -25.71 -8.66 -6.02
N PRO C 5 -24.96 -9.07 -4.96
CA PRO C 5 -24.99 -10.46 -4.49
C PRO C 5 -26.22 -10.85 -3.67
N PRO C 6 -26.96 -11.90 -4.06
CA PRO C 6 -28.20 -12.27 -3.36
C PRO C 6 -27.86 -12.92 -2.02
N PRO C 7 -28.78 -12.90 -1.03
CA PRO C 7 -28.57 -13.63 0.22
C PRO C 7 -28.45 -15.13 -0.06
N PRO C 8 -27.79 -15.90 0.84
CA PRO C 8 -27.60 -17.32 0.63
C PRO C 8 -28.94 -18.05 0.62
N PRO C 9 -29.03 -19.15 -0.13
CA PRO C 9 -30.17 -20.06 -0.03
C PRO C 9 -30.35 -20.48 1.41
N GLY C 10 -31.59 -20.81 1.76
CA GLY C 10 -31.93 -21.55 2.96
C GLY C 10 -31.77 -23.05 2.76
N PRO C 11 -32.15 -23.88 3.76
CA PRO C 11 -32.03 -25.34 3.65
C PRO C 11 -32.82 -25.86 2.45
N PRO C 12 -32.47 -27.04 1.89
CA PRO C 12 -33.25 -27.58 0.79
C PRO C 12 -34.66 -27.93 1.29
N SER C 13 -35.62 -27.82 0.35
CA SER C 13 -37.01 -28.14 0.64
CA SER C 13 -37.01 -28.16 0.59
C SER C 13 -37.13 -29.57 1.17
N PHE C 14 -36.42 -30.51 0.53
CA PHE C 14 -36.38 -31.90 0.96
C PHE C 14 -35.02 -32.22 1.55
N THR C 15 -34.98 -32.77 2.78
CA THR C 15 -33.73 -33.01 3.47
C THR C 15 -33.52 -34.49 3.76
N GLY C 16 -34.26 -35.38 3.09
CA GLY C 16 -34.03 -36.80 3.24
C GLY C 16 -32.96 -37.33 2.28
N THR C 17 -32.78 -38.65 2.28
CA THR C 17 -31.83 -39.27 1.37
C THR C 17 -32.41 -39.27 -0.04
N LYS C 18 -31.52 -39.35 -1.02
CA LYS C 18 -31.88 -39.49 -2.41
C LYS C 18 -30.65 -39.89 -3.20
N LEU C 19 -30.87 -40.39 -4.42
CA LEU C 19 -29.81 -40.71 -5.35
C LEU C 19 -29.25 -39.39 -5.86
N VAL C 20 -27.94 -39.21 -5.68
CA VAL C 20 -27.32 -37.97 -6.12
C VAL C 20 -26.46 -38.25 -7.35
N ASN C 21 -25.99 -39.48 -7.48
CA ASN C 21 -25.28 -39.90 -8.67
C ASN C 21 -26.27 -40.38 -9.74
N ASP C 22 -26.91 -39.44 -10.42
CA ASP C 22 -28.10 -39.74 -11.23
C ASP C 22 -27.85 -39.30 -12.67
N ALA C 23 -28.85 -39.50 -13.53
CA ALA C 23 -28.70 -39.32 -14.97
C ALA C 23 -28.42 -37.85 -15.30
N ASP C 24 -29.02 -36.94 -14.51
CA ASP C 24 -28.85 -35.53 -14.76
C ASP C 24 -27.48 -35.02 -14.29
N HIS C 25 -26.76 -35.80 -13.47
CA HIS C 25 -25.51 -35.36 -12.86
C HIS C 25 -24.40 -36.38 -13.13
N PRO C 26 -24.06 -36.64 -14.41
CA PRO C 26 -23.05 -37.65 -14.74
C PRO C 26 -21.65 -37.13 -14.42
N TRP C 27 -20.78 -38.00 -13.93
CA TRP C 27 -19.37 -37.67 -13.88
C TRP C 27 -18.87 -37.43 -15.30
N GLN C 28 -18.07 -36.39 -15.48
CA GLN C 28 -17.41 -36.14 -16.75
C GLN C 28 -15.96 -35.75 -16.47
N PRO C 29 -15.03 -36.09 -17.40
CA PRO C 29 -13.62 -35.82 -17.18
C PRO C 29 -13.31 -34.35 -17.32
N LEU C 30 -12.23 -33.92 -16.66
CA LEU C 30 -11.80 -32.53 -16.72
C LEU C 30 -11.45 -32.16 -18.14
N ARG C 31 -11.87 -30.96 -18.54
CA ARG C 31 -11.45 -30.33 -19.77
C ARG C 31 -10.31 -29.36 -19.43
N GLU C 32 -9.49 -29.01 -20.42
CA GLU C 32 -8.55 -27.91 -20.31
C GLU C 32 -9.28 -26.67 -19.77
N GLY C 33 -8.71 -26.06 -18.72
CA GLY C 33 -9.31 -24.85 -18.17
C GLY C 33 -10.19 -25.09 -16.94
N ASP C 34 -10.68 -26.32 -16.77
CA ASP C 34 -11.48 -26.67 -15.61
C ASP C 34 -10.60 -26.61 -14.37
N ILE C 35 -11.17 -26.06 -13.29
CA ILE C 35 -10.41 -25.86 -12.07
C ILE C 35 -10.89 -26.82 -11.00
N ARG C 36 -9.95 -27.40 -10.28
CA ARG C 36 -10.20 -28.24 -9.13
C ARG C 36 -9.18 -27.85 -8.06
N GLY C 37 -9.44 -28.23 -6.81
CA GLY C 37 -8.64 -27.72 -5.72
C GLY C 37 -8.56 -28.68 -4.55
N PRO C 38 -8.38 -28.15 -3.33
CA PRO C 38 -8.11 -28.98 -2.17
C PRO C 38 -9.33 -29.62 -1.51
N CYS C 39 -10.53 -29.24 -1.94
CA CYS C 39 -11.75 -29.79 -1.36
C CYS C 39 -12.32 -30.91 -2.23
N PRO C 40 -12.32 -32.17 -1.73
CA PRO C 40 -12.90 -33.29 -2.48
C PRO C 40 -14.42 -33.18 -2.65
N GLY C 41 -15.09 -32.55 -1.68
CA GLY C 41 -16.51 -32.28 -1.79
C GLY C 41 -16.84 -31.42 -3.01
N LEU C 42 -16.25 -30.22 -3.07
CA LEU C 42 -16.53 -29.30 -4.15
C LEU C 42 -16.03 -29.87 -5.48
N ASN C 43 -14.91 -30.56 -5.44
CA ASN C 43 -14.37 -31.19 -6.64
C ASN C 43 -15.38 -32.17 -7.23
N THR C 44 -15.96 -33.00 -6.37
CA THR C 44 -16.92 -34.01 -6.81
C THR C 44 -18.17 -33.34 -7.37
N LEU C 45 -18.63 -32.28 -6.69
CA LEU C 45 -19.82 -31.58 -7.14
C LEU C 45 -19.58 -30.96 -8.52
N ALA C 46 -18.38 -30.43 -8.73
CA ALA C 46 -18.09 -29.85 -10.03
C ALA C 46 -18.03 -30.94 -11.09
N SER C 47 -17.42 -32.08 -10.77
CA SER C 47 -17.23 -33.11 -11.78
C SER C 47 -18.51 -33.88 -12.09
N HIS C 48 -19.58 -33.70 -11.27
CA HIS C 48 -20.89 -34.24 -11.58
C HIS C 48 -21.89 -33.17 -12.00
N GLY C 49 -21.45 -31.92 -12.16
CA GLY C 49 -22.35 -30.89 -12.66
C GLY C 49 -23.32 -30.35 -11.61
N TYR C 50 -23.11 -30.63 -10.32
CA TYR C 50 -23.82 -29.92 -9.26
C TYR C 50 -23.35 -28.47 -9.18
N LEU C 51 -22.04 -28.26 -9.38
CA LEU C 51 -21.46 -26.94 -9.62
C LEU C 51 -21.14 -26.81 -11.09
N PRO C 52 -20.91 -25.58 -11.61
CA PRO C 52 -20.27 -25.41 -12.93
C PRO C 52 -19.03 -26.28 -13.05
N ARG C 53 -18.91 -27.01 -14.16
CA ARG C 53 -17.88 -28.02 -14.31
C ARG C 53 -16.49 -27.37 -14.45
N ASP C 54 -16.46 -26.06 -14.73
CA ASP C 54 -15.18 -25.36 -14.81
C ASP C 54 -14.65 -24.97 -13.42
N GLY C 55 -15.43 -25.17 -12.36
CA GLY C 55 -14.88 -25.05 -11.01
C GLY C 55 -14.85 -23.62 -10.49
N VAL C 56 -15.62 -22.74 -11.15
CA VAL C 56 -15.78 -21.37 -10.73
C VAL C 56 -17.28 -21.15 -10.52
N ALA C 57 -17.66 -20.63 -9.35
CA ALA C 57 -19.06 -20.59 -8.98
C ALA C 57 -19.37 -19.40 -8.08
N THR C 58 -20.66 -19.06 -8.00
CA THR C 58 -21.13 -18.07 -7.04
C THR C 58 -21.25 -18.75 -5.69
N PRO C 59 -21.15 -17.99 -4.58
CA PRO C 59 -21.41 -18.55 -3.26
C PRO C 59 -22.75 -19.29 -3.19
N ALA C 60 -23.79 -18.68 -3.78
CA ALA C 60 -25.11 -19.27 -3.77
C ALA C 60 -25.08 -20.63 -4.45
N GLN C 61 -24.38 -20.75 -5.58
CA GLN C 61 -24.32 -22.03 -6.27
C GLN C 61 -23.60 -23.06 -5.42
N ILE C 62 -22.56 -22.65 -4.71
CA ILE C 62 -21.80 -23.58 -3.89
C ILE C 62 -22.70 -24.11 -2.76
N ILE C 63 -23.45 -23.19 -2.14
CA ILE C 63 -24.29 -23.59 -1.03
C ILE C 63 -25.34 -24.57 -1.51
N THR C 64 -26.03 -24.28 -2.63
CA THR C 64 -27.09 -25.14 -3.09
CA THR C 64 -27.10 -25.15 -3.08
C THR C 64 -26.52 -26.50 -3.49
N ALA C 65 -25.31 -26.52 -4.07
CA ALA C 65 -24.65 -27.74 -4.52
C ALA C 65 -24.25 -28.64 -3.36
N THR C 66 -23.70 -28.06 -2.27
CA THR C 66 -23.30 -28.86 -1.12
C THR C 66 -24.54 -29.46 -0.45
N GLN C 67 -25.67 -28.74 -0.50
CA GLN C 67 -26.91 -29.23 0.07
C GLN C 67 -27.52 -30.30 -0.82
N GLU C 68 -27.64 -30.04 -2.13
CA GLU C 68 -28.27 -30.99 -3.02
C GLU C 68 -27.44 -32.28 -3.08
N GLY C 69 -26.12 -32.14 -3.19
CA GLY C 69 -25.29 -33.30 -3.47
C GLY C 69 -24.96 -34.13 -2.24
N PHE C 70 -24.84 -33.49 -1.07
CA PHE C 70 -24.32 -34.17 0.10
C PHE C 70 -25.17 -33.96 1.35
N ASN C 71 -26.20 -33.12 1.25
CA ASN C 71 -26.99 -32.72 2.40
C ASN C 71 -26.12 -32.03 3.45
N PHE C 72 -25.17 -31.22 3.00
CA PHE C 72 -24.39 -30.41 3.92
C PHE C 72 -25.35 -29.44 4.60
N GLU C 73 -25.28 -29.33 5.92
CA GLU C 73 -26.16 -28.46 6.67
C GLU C 73 -26.00 -26.99 6.22
N ASN C 74 -27.12 -26.29 6.12
CA ASN C 74 -27.20 -24.95 5.56
C ASN C 74 -26.25 -23.96 6.22
N ASN C 75 -26.25 -23.87 7.55
CA ASN C 75 -25.41 -22.91 8.23
C ASN C 75 -23.94 -23.27 8.08
N ALA C 76 -23.63 -24.58 8.11
CA ALA C 76 -22.27 -25.04 7.90
C ALA C 76 -21.80 -24.61 6.49
N ALA C 77 -22.70 -24.75 5.52
CA ALA C 77 -22.43 -24.40 4.14
C ALA C 77 -22.19 -22.89 4.01
N ILE C 78 -22.97 -22.12 4.77
CA ILE C 78 -22.85 -20.67 4.75
C ILE C 78 -21.53 -20.26 5.37
N VAL C 79 -21.17 -20.85 6.52
CA VAL C 79 -19.92 -20.53 7.19
C VAL C 79 -18.74 -20.81 6.28
N ALA C 80 -18.71 -22.01 5.66
CA ALA C 80 -17.58 -22.40 4.86
C ALA C 80 -17.52 -21.55 3.60
N THR C 81 -18.68 -21.32 2.98
CA THR C 81 -18.69 -20.74 1.64
C THR C 81 -18.23 -19.28 1.69
N TYR C 82 -18.78 -18.50 2.62
CA TYR C 82 -18.52 -17.07 2.66
C TYR C 82 -17.16 -16.80 3.30
N LEU C 83 -16.68 -17.69 4.14
CA LEU C 83 -15.29 -17.64 4.56
C LEU C 83 -14.39 -17.74 3.33
N GLY C 84 -14.60 -18.77 2.51
CA GLY C 84 -13.81 -18.99 1.30
C GLY C 84 -13.92 -17.81 0.35
N HIS C 85 -15.13 -17.27 0.21
CA HIS C 85 -15.38 -16.18 -0.74
C HIS C 85 -14.78 -14.86 -0.25
N LEU C 86 -14.95 -14.53 1.03
CA LEU C 86 -14.41 -13.28 1.57
C LEU C 86 -12.90 -13.23 1.38
N LEU C 87 -12.20 -14.32 1.70
CA LEU C 87 -10.75 -14.40 1.68
C LEU C 87 -10.21 -14.64 0.28
N ASN C 88 -10.95 -15.39 -0.56
CA ASN C 88 -10.36 -15.96 -1.75
C ASN C 88 -11.19 -15.70 -3.00
N GLY C 89 -12.34 -15.03 -2.89
CA GLY C 89 -13.21 -14.84 -4.04
C GLY C 89 -13.15 -13.41 -4.57
N ASN C 90 -13.78 -13.20 -5.72
CA ASN C 90 -13.92 -11.87 -6.26
C ASN C 90 -15.28 -11.34 -5.84
N LEU C 91 -15.30 -10.34 -4.97
CA LEU C 91 -16.54 -9.88 -4.35
C LEU C 91 -17.35 -9.03 -5.31
N VAL C 92 -16.70 -8.48 -6.32
CA VAL C 92 -17.38 -7.62 -7.28
C VAL C 92 -18.10 -8.46 -8.32
N THR C 93 -17.45 -9.51 -8.85
CA THR C 93 -18.10 -10.40 -9.82
C THR C 93 -18.91 -11.49 -9.13
N ASP C 94 -18.69 -11.70 -7.82
CA ASP C 94 -19.40 -12.73 -7.06
C ASP C 94 -18.98 -14.14 -7.47
N LEU C 95 -17.71 -14.34 -7.82
CA LEU C 95 -17.25 -15.64 -8.28
C LEU C 95 -16.06 -16.08 -7.43
N LEU C 96 -16.06 -17.37 -7.07
CA LEU C 96 -15.01 -18.01 -6.32
C LEU C 96 -14.50 -19.22 -7.11
N SER C 97 -13.16 -19.27 -7.28
CA SER C 97 -12.50 -20.45 -7.81
C SER C 97 -12.35 -21.47 -6.69
N ILE C 98 -12.72 -22.73 -6.97
CA ILE C 98 -12.61 -23.76 -5.95
C ILE C 98 -11.18 -24.28 -5.95
N GLY C 99 -10.35 -23.72 -6.83
CA GLY C 99 -8.95 -24.11 -6.90
C GLY C 99 -8.05 -22.86 -6.93
N GLY C 100 -7.32 -22.69 -8.03
CA GLY C 100 -6.32 -21.64 -8.12
C GLY C 100 -6.84 -20.44 -8.92
N ALA C 101 -5.92 -19.51 -9.22
CA ALA C 101 -6.24 -18.27 -9.89
C ALA C 101 -6.68 -18.56 -11.32
N THR C 102 -7.59 -17.74 -11.82
CA THR C 102 -8.15 -17.94 -13.14
C THR C 102 -8.74 -16.63 -13.60
N PRO C 103 -8.64 -16.29 -14.90
CA PRO C 103 -9.37 -15.13 -15.44
C PRO C 103 -10.89 -15.26 -15.33
N LYS C 104 -11.40 -16.48 -15.14
CA LYS C 104 -12.83 -16.72 -15.07
C LYS C 104 -13.48 -16.03 -13.86
N THR C 105 -12.70 -15.62 -12.84
CA THR C 105 -13.29 -14.89 -11.72
C THR C 105 -13.37 -13.41 -12.04
N GLY C 106 -12.84 -13.00 -13.19
CA GLY C 106 -12.96 -11.62 -13.67
C GLY C 106 -11.73 -10.77 -13.32
N PRO C 107 -11.79 -9.44 -13.56
CA PRO C 107 -10.71 -8.51 -13.20
C PRO C 107 -10.24 -8.59 -11.76
N PRO C 108 -8.93 -8.76 -11.51
CA PRO C 108 -8.43 -8.97 -10.15
C PRO C 108 -8.78 -7.78 -9.25
N PRO C 109 -9.01 -8.01 -7.94
CA PRO C 109 -9.27 -6.94 -7.01
C PRO C 109 -7.98 -6.20 -6.65
N PRO C 110 -8.09 -5.00 -6.03
CA PRO C 110 -6.91 -4.25 -5.56
C PRO C 110 -6.10 -4.99 -4.51
N PRO C 111 -4.77 -5.13 -4.67
CA PRO C 111 -3.95 -5.82 -3.66
C PRO C 111 -4.12 -5.10 -2.33
N PRO C 112 -3.89 -5.75 -1.17
CA PRO C 112 -3.43 -7.14 -1.07
C PRO C 112 -4.44 -8.27 -1.27
N ALA C 113 -5.68 -7.92 -1.62
CA ALA C 113 -6.67 -8.92 -2.01
C ALA C 113 -6.29 -9.53 -3.36
N HIS C 114 -6.71 -10.78 -3.61
CA HIS C 114 -6.13 -11.57 -4.68
C HIS C 114 -7.19 -12.34 -5.49
N ALA C 115 -8.30 -12.75 -4.84
CA ALA C 115 -9.29 -13.62 -5.44
C ALA C 115 -8.63 -14.84 -6.08
N GLY C 116 -7.71 -15.47 -5.33
CA GLY C 116 -6.84 -16.47 -5.89
C GLY C 116 -7.36 -17.89 -5.69
N GLY C 117 -8.53 -18.01 -5.05
CA GLY C 117 -9.25 -19.26 -4.94
C GLY C 117 -8.87 -20.01 -3.67
N LEU C 118 -9.50 -21.18 -3.48
CA LEU C 118 -9.33 -21.97 -2.27
C LEU C 118 -7.92 -22.51 -2.14
N ASN C 119 -7.13 -22.51 -3.23
CA ASN C 119 -5.74 -22.97 -3.16
C ASN C 119 -4.88 -22.06 -2.29
N VAL C 120 -5.23 -20.78 -2.15
CA VAL C 120 -4.40 -19.83 -1.43
C VAL C 120 -4.19 -20.28 0.03
N HIS C 121 -2.93 -20.36 0.43
CA HIS C 121 -2.52 -20.92 1.70
C HIS C 121 -2.52 -19.88 2.81
N GLY C 122 -2.84 -20.28 4.05
CA GLY C 122 -2.35 -19.57 5.22
C GLY C 122 -3.42 -18.93 6.09
N THR C 123 -4.61 -18.63 5.57
CA THR C 123 -5.69 -18.08 6.37
CA THR C 123 -5.67 -18.14 6.44
C THR C 123 -6.88 -19.06 6.37
N PHE C 124 -7.19 -19.67 5.22
CA PHE C 124 -8.19 -20.72 5.14
C PHE C 124 -7.50 -22.09 4.98
N GLU C 125 -7.12 -22.45 3.74
CA GLU C 125 -6.40 -23.69 3.47
C GLU C 125 -5.16 -23.76 4.36
N GLY C 126 -4.86 -24.94 4.88
CA GLY C 126 -3.70 -25.15 5.73
C GLY C 126 -3.29 -26.61 5.84
N ASP C 127 -2.57 -26.91 6.92
CA ASP C 127 -1.63 -28.04 6.96
C ASP C 127 -2.26 -29.25 7.63
N ALA C 128 -1.62 -30.40 7.42
CA ALA C 128 -2.00 -31.64 8.08
C ALA C 128 -3.31 -32.18 7.52
N GLY C 129 -3.52 -32.02 6.21
CA GLY C 129 -4.66 -32.64 5.56
C GLY C 129 -4.48 -34.15 5.44
N MET C 130 -5.56 -34.83 5.04
CA MET C 130 -5.61 -36.29 4.97
C MET C 130 -5.02 -36.80 3.64
N THR C 131 -5.40 -36.17 2.53
CA THR C 131 -4.97 -36.62 1.21
C THR C 131 -4.22 -35.54 0.43
N ARG C 132 -4.00 -34.38 1.06
CA ARG C 132 -3.22 -33.31 0.43
C ARG C 132 -2.00 -32.99 1.29
N ALA C 133 -0.85 -32.71 0.64
CA ALA C 133 0.38 -32.41 1.35
C ALA C 133 0.40 -30.93 1.73
N ASP C 134 1.10 -30.62 2.83
CA ASP C 134 1.31 -29.24 3.25
C ASP C 134 1.91 -28.41 2.11
N GLU C 135 1.54 -27.12 2.08
CA GLU C 135 1.94 -26.18 1.05
C GLU C 135 3.46 -26.03 0.98
N PHE C 136 4.12 -26.14 2.12
CA PHE C 136 5.57 -26.03 2.17
C PHE C 136 6.25 -26.99 1.20
N PHE C 137 5.66 -28.17 0.98
CA PHE C 137 6.29 -29.18 0.15
C PHE C 137 5.98 -28.97 -1.34
N GLY C 138 5.19 -27.94 -1.70
CA GLY C 138 5.08 -27.52 -3.10
C GLY C 138 3.68 -27.65 -3.72
N ASP C 139 2.79 -28.44 -3.13
CA ASP C 139 1.50 -28.71 -3.76
C ASP C 139 0.45 -29.01 -2.69
N ASN C 140 -0.43 -28.03 -2.46
CA ASN C 140 -1.38 -28.12 -1.37
C ASN C 140 -2.76 -28.54 -1.89
N HIS C 141 -2.88 -28.82 -3.19
CA HIS C 141 -4.20 -29.01 -3.78
C HIS C 141 -4.35 -30.40 -4.40
N SER C 142 -3.26 -31.00 -4.91
CA SER C 142 -3.34 -32.26 -5.61
C SER C 142 -3.53 -33.41 -4.63
N PHE C 143 -4.25 -34.43 -5.09
CA PHE C 143 -4.29 -35.70 -4.39
C PHE C 143 -2.87 -36.27 -4.29
N ASN C 144 -2.55 -36.82 -3.12
CA ASN C 144 -1.23 -37.32 -2.81
C ASN C 144 -1.36 -38.79 -2.44
N GLN C 145 -0.87 -39.69 -3.32
CA GLN C 145 -1.06 -41.13 -3.17
C GLN C 145 -0.41 -41.64 -1.89
N THR C 146 0.76 -41.09 -1.55
CA THR C 146 1.47 -41.51 -0.35
C THR C 146 0.62 -41.25 0.89
N LEU C 147 -0.06 -40.10 0.92
CA LEU C 147 -0.92 -39.76 2.05
C LEU C 147 -2.17 -40.64 2.05
N PHE C 148 -2.72 -40.94 0.88
CA PHE C 148 -3.86 -41.85 0.79
C PHE C 148 -3.45 -43.25 1.25
N ASP C 149 -2.21 -43.67 0.98
CA ASP C 149 -1.73 -44.97 1.43
C ASP C 149 -1.76 -45.03 2.97
N LYS C 150 -1.42 -43.91 3.61
CA LYS C 150 -1.46 -43.84 5.08
C LYS C 150 -2.90 -43.86 5.58
N PHE C 151 -3.81 -43.22 4.82
CA PHE C 151 -5.22 -43.26 5.13
C PHE C 151 -5.70 -44.71 5.12
N VAL C 152 -5.28 -45.46 4.10
CA VAL C 152 -5.65 -46.86 3.93
C VAL C 152 -5.06 -47.65 5.10
N ASP C 153 -3.78 -47.40 5.37
CA ASP C 153 -3.09 -48.12 6.42
C ASP C 153 -3.81 -47.95 7.76
N PHE C 154 -4.12 -46.71 8.13
CA PHE C 154 -4.76 -46.44 9.41
C PHE C 154 -6.17 -47.04 9.43
N SER C 155 -6.86 -47.07 8.28
CA SER C 155 -8.17 -47.71 8.23
C SER C 155 -8.03 -49.22 8.48
N ASN C 156 -6.97 -49.82 7.93
CA ASN C 156 -6.70 -51.23 8.15
C ASN C 156 -6.38 -51.48 9.63
N ARG C 157 -5.62 -50.57 10.23
CA ARG C 157 -5.09 -50.76 11.58
C ARG C 157 -6.16 -50.52 12.65
N TYR C 158 -7.10 -49.60 12.42
CA TYR C 158 -8.02 -49.19 13.48
C TYR C 158 -9.49 -49.37 13.10
N GLY C 159 -9.81 -49.64 11.82
CA GLY C 159 -11.20 -49.62 11.38
C GLY C 159 -11.63 -50.86 10.59
N GLY C 160 -10.88 -51.96 10.72
CA GLY C 160 -11.20 -53.20 10.04
C GLY C 160 -11.18 -53.05 8.51
N GLY C 161 -10.42 -52.06 8.01
CA GLY C 161 -10.30 -51.81 6.58
C GLY C 161 -11.25 -50.72 6.08
N PHE C 162 -11.97 -50.11 7.04
CA PHE C 162 -12.91 -49.04 6.76
C PHE C 162 -12.48 -47.79 7.55
N TYR C 163 -12.83 -46.62 7.02
CA TYR C 163 -12.59 -45.38 7.75
C TYR C 163 -13.80 -45.14 8.63
N ASN C 164 -13.55 -45.02 9.92
CA ASN C 164 -14.59 -44.72 10.89
C ASN C 164 -14.03 -43.77 11.95
N LEU C 165 -14.83 -43.49 12.99
CA LEU C 165 -14.52 -42.40 13.90
C LEU C 165 -13.23 -42.69 14.68
N THR C 166 -12.96 -43.97 14.97
CA THR C 166 -11.73 -44.34 15.66
C THR C 166 -10.52 -44.04 14.77
N VAL C 167 -10.61 -44.42 13.50
CA VAL C 167 -9.54 -44.15 12.55
C VAL C 167 -9.30 -42.65 12.47
N ALA C 168 -10.38 -41.86 12.39
CA ALA C 168 -10.29 -40.40 12.28
C ALA C 168 -9.44 -39.83 13.40
N GLY C 169 -9.72 -40.27 14.64
CA GLY C 169 -8.99 -39.77 15.79
C GLY C 169 -7.48 -40.02 15.66
N GLU C 170 -7.13 -41.24 15.21
CA GLU C 170 -5.75 -41.65 15.10
C GLU C 170 -5.10 -40.91 13.93
N LEU C 171 -5.77 -40.87 12.78
CA LEU C 171 -5.16 -40.31 11.59
C LEU C 171 -4.88 -38.82 11.82
N ARG C 172 -5.83 -38.13 12.45
CA ARG C 172 -5.72 -36.67 12.59
C ARG C 172 -4.47 -36.32 13.37
N TYR C 173 -4.30 -37.02 14.50
CA TYR C 173 -3.15 -36.81 15.37
C TYR C 173 -1.85 -37.15 14.66
N SER C 174 -1.81 -38.31 14.00
CA SER C 174 -0.60 -38.74 13.31
C SER C 174 -0.19 -37.72 12.24
N ARG C 175 -1.17 -37.15 11.51
CA ARG C 175 -0.86 -36.21 10.44
C ARG C 175 -0.29 -34.93 11.05
N ILE C 176 -0.77 -34.56 12.24
CA ILE C 176 -0.23 -33.42 12.96
C ILE C 176 1.25 -33.69 13.24
N GLN C 177 1.55 -34.88 13.78
CA GLN C 177 2.92 -35.28 14.07
C GLN C 177 3.81 -35.23 12.81
N ASP C 178 3.34 -35.78 11.68
CA ASP C 178 4.10 -35.70 10.43
C ASP C 178 4.52 -34.26 10.13
N SER C 179 3.58 -33.32 10.29
CA SER C 179 3.81 -31.93 9.92
C SER C 179 4.77 -31.24 10.90
N ILE C 180 4.64 -31.57 12.18
CA ILE C 180 5.57 -31.05 13.17
C ILE C 180 7.00 -31.48 12.82
N ALA C 181 7.17 -32.75 12.46
CA ALA C 181 8.49 -33.33 12.26
C ALA C 181 9.13 -32.84 10.96
N THR C 182 8.32 -32.46 9.95
CA THR C 182 8.85 -32.33 8.61
C THR C 182 8.61 -30.94 8.01
N ASN C 183 7.74 -30.14 8.63
CA ASN C 183 7.35 -28.88 8.01
C ASN C 183 7.73 -27.75 8.95
N PRO C 184 8.82 -27.02 8.68
CA PRO C 184 9.26 -25.94 9.57
C PRO C 184 8.33 -24.73 9.61
N GLU C 185 7.44 -24.59 8.61
CA GLU C 185 6.48 -23.50 8.57
C GLU C 185 5.09 -23.96 9.05
N PHE C 186 4.99 -25.17 9.61
CA PHE C 186 3.73 -25.74 10.06
C PHE C 186 2.98 -24.77 10.98
N GLN C 187 1.74 -24.45 10.59
CA GLN C 187 0.80 -23.68 11.39
C GLN C 187 -0.46 -24.53 11.62
N PHE C 188 -0.96 -24.53 12.86
CA PHE C 188 -2.18 -25.26 13.17
C PHE C 188 -3.02 -24.44 14.14
N LYS C 189 -3.49 -23.27 13.70
CA LYS C 189 -4.22 -22.36 14.57
C LYS C 189 -5.34 -21.63 13.82
N ASN C 190 -6.17 -20.91 14.57
CA ASN C 190 -7.22 -20.10 13.99
C ASN C 190 -8.13 -20.96 13.11
N VAL C 191 -8.34 -20.56 11.86
CA VAL C 191 -9.29 -21.26 11.00
C VAL C 191 -8.88 -22.73 10.88
N ARG C 192 -7.59 -22.97 10.62
CA ARG C 192 -7.13 -24.31 10.29
C ARG C 192 -7.36 -25.27 11.45
N PHE C 193 -7.19 -24.77 12.67
CA PHE C 193 -7.36 -25.61 13.83
C PHE C 193 -8.80 -26.08 13.90
N ILE C 194 -9.76 -25.20 13.57
CA ILE C 194 -11.15 -25.56 13.65
C ILE C 194 -11.52 -26.48 12.48
N THR C 195 -11.13 -26.13 11.25
CA THR C 195 -11.56 -26.85 10.06
C THR C 195 -10.93 -28.23 9.99
N ALA C 196 -9.76 -28.41 10.63
CA ALA C 196 -9.02 -29.66 10.54
C ALA C 196 -9.74 -30.79 11.25
N TYR C 197 -10.53 -30.48 12.28
CA TYR C 197 -11.24 -31.54 12.99
C TYR C 197 -12.50 -31.90 12.23
N GLY C 198 -13.22 -30.88 11.76
CA GLY C 198 -14.43 -31.13 10.99
C GLY C 198 -14.14 -31.94 9.73
N GLU C 199 -13.04 -31.66 9.03
CA GLU C 199 -12.79 -32.31 7.75
CA GLU C 199 -12.76 -32.30 7.76
C GLU C 199 -12.59 -33.81 7.97
N THR C 200 -12.19 -34.20 9.19
CA THR C 200 -11.88 -35.61 9.41
C THR C 200 -13.14 -36.41 9.65
N VAL C 201 -14.27 -35.74 9.98
CA VAL C 201 -15.52 -36.45 10.15
C VAL C 201 -16.42 -36.31 8.92
N PHE C 202 -16.14 -35.37 8.01
CA PHE C 202 -16.97 -35.25 6.83
C PHE C 202 -17.03 -36.56 6.07
N PRO C 203 -15.94 -37.33 5.91
CA PRO C 203 -16.03 -38.60 5.19
C PRO C 203 -17.05 -39.55 5.80
N ILE C 204 -17.16 -39.52 7.12
CA ILE C 204 -18.08 -40.41 7.84
C ILE C 204 -19.52 -39.93 7.70
N ASN C 205 -19.74 -38.62 7.93
CA ASN C 205 -21.09 -38.10 7.96
C ASN C 205 -21.64 -37.86 6.57
N LEU C 206 -20.77 -37.65 5.57
CA LEU C 206 -21.25 -37.21 4.26
C LEU C 206 -20.85 -38.15 3.12
N PHE C 207 -19.75 -38.90 3.25
CA PHE C 207 -19.28 -39.70 2.13
C PHE C 207 -19.81 -41.13 2.27
N VAL C 208 -20.28 -41.48 3.46
CA VAL C 208 -20.96 -42.75 3.68
C VAL C 208 -22.39 -42.61 3.18
N ASP C 209 -22.83 -43.63 2.44
CA ASP C 209 -24.13 -43.65 1.83
C ASP C 209 -25.20 -43.43 2.90
N GLY C 210 -26.24 -42.65 2.54
CA GLY C 210 -27.22 -42.21 3.53
C GLY C 210 -28.18 -43.33 3.95
N ARG C 211 -28.27 -44.40 3.15
CA ARG C 211 -29.07 -45.56 3.49
C ARG C 211 -28.40 -46.38 4.60
N VAL C 212 -27.10 -46.16 4.85
CA VAL C 212 -26.41 -46.83 5.95
C VAL C 212 -26.71 -46.10 7.26
N THR C 213 -27.55 -46.71 8.11
CA THR C 213 -28.05 -46.06 9.30
C THR C 213 -27.17 -46.35 10.51
N THR C 214 -26.47 -47.50 10.48
CA THR C 214 -25.81 -48.03 11.66
C THR C 214 -24.35 -48.36 11.33
N ASP C 215 -23.43 -48.01 12.24
CA ASP C 215 -22.03 -48.40 12.11
C ASP C 215 -21.49 -47.78 10.82
N ARG C 216 -21.54 -46.45 10.76
CA ARG C 216 -21.20 -45.73 9.55
C ARG C 216 -19.68 -45.77 9.37
N LYS C 217 -19.25 -46.22 8.20
CA LYS C 217 -17.84 -46.42 7.91
C LYS C 217 -17.66 -46.34 6.39
N LEU C 218 -16.52 -45.83 5.95
CA LEU C 218 -16.28 -45.58 4.54
C LEU C 218 -15.31 -46.63 3.97
N SER C 219 -15.68 -47.25 2.85
CA SER C 219 -14.78 -48.17 2.16
C SER C 219 -13.66 -47.40 1.47
N MET C 220 -12.56 -48.09 1.18
CA MET C 220 -11.42 -47.47 0.54
C MET C 220 -11.70 -47.18 -0.93
N GLU C 221 -12.55 -47.99 -1.57
CA GLU C 221 -12.97 -47.76 -2.95
C GLU C 221 -13.73 -46.43 -3.05
N ASP C 222 -14.63 -46.20 -2.10
CA ASP C 222 -15.46 -45.01 -2.07
C ASP C 222 -14.59 -43.81 -1.73
N ALA C 223 -13.70 -43.96 -0.76
CA ALA C 223 -12.73 -42.91 -0.46
C ALA C 223 -11.91 -42.55 -1.70
N ALA C 224 -11.37 -43.54 -2.42
CA ALA C 224 -10.51 -43.21 -3.55
C ALA C 224 -11.33 -42.48 -4.60
N SER C 225 -12.54 -42.99 -4.80
CA SER C 225 -13.43 -42.45 -5.82
C SER C 225 -13.60 -40.95 -5.60
N ILE C 226 -13.80 -40.53 -4.35
CA ILE C 226 -14.13 -39.15 -4.04
C ILE C 226 -12.85 -38.31 -3.95
N PHE C 227 -11.90 -38.78 -3.12
CA PHE C 227 -10.70 -38.02 -2.84
C PHE C 227 -9.79 -37.90 -4.06
N ARG C 228 -9.69 -38.97 -4.87
CA ARG C 228 -8.80 -38.94 -6.02
C ARG C 228 -9.59 -38.62 -7.29
N ASP C 229 -10.70 -39.32 -7.55
CA ASP C 229 -11.31 -39.25 -8.87
C ASP C 229 -12.42 -38.23 -8.96
N MET C 230 -12.82 -37.62 -7.81
CA MET C 230 -13.84 -36.59 -7.79
CA MET C 230 -13.84 -36.59 -7.81
C MET C 230 -15.16 -37.19 -8.29
N ARG C 231 -15.43 -38.44 -7.90
CA ARG C 231 -16.53 -39.21 -8.42
CA ARG C 231 -16.55 -39.18 -8.41
C ARG C 231 -17.33 -39.80 -7.26
N PHE C 232 -18.65 -39.62 -7.31
CA PHE C 232 -19.52 -40.31 -6.37
C PHE C 232 -19.44 -41.81 -6.56
N PRO C 233 -19.50 -42.63 -5.48
CA PRO C 233 -19.73 -44.06 -5.63
C PRO C 233 -20.95 -44.33 -6.52
N ASP C 234 -20.95 -45.49 -7.18
CA ASP C 234 -22.11 -45.89 -7.98
C ASP C 234 -23.34 -45.90 -7.09
N ASP C 235 -24.45 -45.37 -7.60
CA ASP C 235 -25.71 -45.40 -6.89
C ASP C 235 -25.63 -44.68 -5.53
N PHE C 236 -24.81 -43.65 -5.42
CA PHE C 236 -24.59 -43.01 -4.13
C PHE C 236 -25.84 -42.23 -3.70
N HIS C 237 -26.24 -42.46 -2.47
CA HIS C 237 -27.34 -41.73 -1.86
C HIS C 237 -26.80 -40.84 -0.75
N ARG C 238 -27.16 -39.56 -0.78
CA ARG C 238 -26.63 -38.63 0.21
C ARG C 238 -27.15 -38.96 1.59
N SER C 239 -26.49 -38.37 2.59
CA SER C 239 -26.92 -38.42 3.98
C SER C 239 -28.43 -38.22 4.09
N ALA C 240 -29.05 -38.92 5.06
CA ALA C 240 -30.49 -38.91 5.21
C ALA C 240 -30.92 -37.69 6.02
N VAL C 241 -29.97 -36.99 6.65
CA VAL C 241 -30.24 -35.75 7.38
C VAL C 241 -29.16 -34.73 7.04
N PRO C 242 -29.48 -33.41 7.07
CA PRO C 242 -28.45 -32.39 6.96
C PRO C 242 -27.37 -32.70 7.98
N ALA C 243 -26.11 -32.60 7.55
CA ALA C 243 -25.03 -32.93 8.45
C ALA C 243 -23.81 -32.09 8.14
N SER C 244 -22.88 -32.09 9.09
CA SER C 244 -21.59 -31.44 8.92
C SER C 244 -20.56 -32.15 9.79
N ASN C 245 -20.31 -31.59 10.97
CA ASN C 245 -19.11 -31.92 11.73
C ASN C 245 -19.44 -32.68 13.01
N GLU C 246 -20.57 -33.40 13.04
CA GLU C 246 -20.90 -34.29 14.14
C GLU C 246 -19.74 -35.26 14.39
N GLY C 247 -19.28 -35.33 15.64
CA GLY C 247 -18.23 -36.23 16.05
C GLY C 247 -16.85 -35.58 16.11
N ALA C 248 -16.73 -34.33 15.64
CA ALA C 248 -15.43 -33.67 15.61
C ALA C 248 -14.88 -33.53 17.04
N ASP C 249 -15.78 -33.31 18.00
CA ASP C 249 -15.46 -33.25 19.42
C ASP C 249 -14.72 -34.50 19.88
N GLN C 250 -15.20 -35.67 19.46
CA GLN C 250 -14.60 -36.93 19.88
C GLN C 250 -13.24 -37.14 19.23
N VAL C 251 -13.04 -36.61 18.02
CA VAL C 251 -11.76 -36.73 17.35
C VAL C 251 -10.71 -35.96 18.14
N LEU C 252 -11.08 -34.76 18.60
CA LEU C 252 -10.19 -33.96 19.42
C LEU C 252 -9.93 -34.66 20.76
N ALA C 253 -10.97 -35.24 21.35
CA ALA C 253 -10.86 -35.85 22.66
C ALA C 253 -9.92 -37.06 22.64
N ALA C 254 -9.87 -37.81 21.54
CA ALA C 254 -8.99 -38.97 21.41
C ALA C 254 -7.51 -38.60 21.56
N HIS C 255 -7.12 -37.40 21.13
CA HIS C 255 -5.75 -36.93 21.26
C HIS C 255 -5.74 -35.42 21.47
N PRO C 256 -6.05 -34.94 22.69
CA PRO C 256 -6.16 -33.51 22.96
C PRO C 256 -4.99 -32.72 22.40
N TRP C 257 -5.31 -31.57 21.81
CA TRP C 257 -4.32 -30.79 21.09
C TRP C 257 -4.67 -29.32 21.17
N VAL C 258 -3.63 -28.48 21.12
CA VAL C 258 -3.78 -27.06 21.37
C VAL C 258 -3.28 -26.32 20.14
N PRO C 259 -4.02 -25.30 19.65
CA PRO C 259 -3.58 -24.55 18.48
C PRO C 259 -2.17 -24.01 18.70
N GLY C 260 -1.42 -23.88 17.61
CA GLY C 260 -0.07 -23.34 17.65
C GLY C 260 0.63 -23.59 16.31
N GLY C 261 1.96 -23.72 16.37
CA GLY C 261 2.76 -23.92 15.18
C GLY C 261 4.22 -24.17 15.52
N ASN C 262 4.98 -24.58 14.49
CA ASN C 262 6.44 -24.64 14.59
C ASN C 262 6.97 -23.21 14.58
N ALA C 263 7.69 -22.82 15.64
CA ALA C 263 8.27 -21.48 15.71
C ALA C 263 9.64 -21.43 15.04
N ASP C 264 9.95 -20.24 14.49
CA ASP C 264 11.29 -19.85 14.09
C ASP C 264 11.83 -20.77 13.00
N ASN C 265 10.97 -21.19 12.07
CA ASN C 265 11.39 -21.91 10.88
C ASN C 265 12.20 -23.16 11.25
N GLN C 266 11.76 -23.90 12.26
CA GLN C 266 12.40 -25.13 12.69
C GLN C 266 11.38 -26.24 12.90
N VAL C 267 11.74 -27.48 12.55
CA VAL C 267 10.90 -28.63 12.82
C VAL C 267 10.99 -28.99 14.30
N ASN C 268 10.10 -29.89 14.73
CA ASN C 268 10.00 -30.35 16.11
C ASN C 268 10.12 -29.19 17.09
N ASN C 269 9.37 -28.12 16.85
CA ASN C 269 9.46 -26.92 17.66
C ASN C 269 8.07 -26.28 17.80
N TYR C 270 7.09 -27.09 18.23
CA TYR C 270 5.70 -26.66 18.29
C TYR C 270 5.47 -25.82 19.55
N VAL C 271 5.03 -24.58 19.35
CA VAL C 271 4.68 -23.65 20.43
C VAL C 271 3.19 -23.37 20.37
N GLU C 272 2.53 -23.35 21.54
CA GLU C 272 1.11 -23.11 21.63
C GLU C 272 0.79 -21.63 21.42
N ASP C 273 -0.37 -21.34 20.80
CA ASP C 273 -0.90 -20.00 20.67
C ASP C 273 -2.14 -19.88 21.56
N PRO C 274 -2.06 -19.15 22.69
CA PRO C 274 -3.20 -19.01 23.59
C PRO C 274 -4.29 -18.01 23.13
N ASP C 275 -3.98 -17.21 22.09
CA ASP C 275 -4.91 -16.23 21.54
C ASP C 275 -5.78 -16.83 20.41
N SER C 276 -5.39 -18.00 19.89
CA SER C 276 -6.10 -18.63 18.80
C SER C 276 -7.51 -19.02 19.23
N ALA C 277 -8.41 -19.02 18.26
CA ALA C 277 -9.67 -19.70 18.41
C ALA C 277 -9.44 -21.16 18.81
N ASP C 278 -10.41 -21.72 19.54
CA ASP C 278 -10.48 -23.16 19.75
C ASP C 278 -11.97 -23.52 19.86
N PHE C 279 -12.28 -24.74 20.29
CA PHE C 279 -13.63 -25.24 20.20
C PHE C 279 -14.53 -24.66 21.30
N THR C 280 -13.95 -24.04 22.34
CA THR C 280 -14.76 -23.34 23.33
C THR C 280 -14.66 -21.82 23.12
N HIS C 281 -13.93 -21.37 22.09
CA HIS C 281 -13.76 -19.95 21.80
C HIS C 281 -13.93 -19.70 20.32
N LEU C 282 -15.10 -20.10 19.79
CA LEU C 282 -15.35 -20.07 18.36
C LEU C 282 -15.45 -18.63 17.83
N CYS C 283 -15.93 -17.70 18.65
CA CYS C 283 -16.14 -16.34 18.18
C CYS C 283 -14.82 -15.64 17.88
N ARG C 284 -13.71 -16.12 18.47
CA ARG C 284 -12.41 -15.62 18.07
C ARG C 284 -12.16 -15.85 16.58
N LEU C 285 -12.66 -16.98 16.06
CA LEU C 285 -12.47 -17.28 14.64
C LEU C 285 -13.16 -16.18 13.83
N TYR C 286 -14.36 -15.79 14.28
CA TYR C 286 -15.14 -14.75 13.60
C TYR C 286 -14.36 -13.43 13.59
N GLU C 287 -13.89 -13.02 14.76
CA GLU C 287 -13.12 -11.78 14.88
C GLU C 287 -11.84 -11.84 14.06
N PHE C 288 -11.11 -12.96 14.14
CA PHE C 288 -9.88 -13.15 13.39
C PHE C 288 -10.13 -12.94 11.90
N VAL C 289 -11.17 -13.58 11.36
CA VAL C 289 -11.46 -13.54 9.93
C VAL C 289 -11.88 -12.13 9.51
N VAL C 290 -12.69 -11.46 10.32
CA VAL C 290 -13.04 -10.08 10.02
C VAL C 290 -11.79 -9.20 9.95
N GLY C 291 -10.87 -9.36 10.91
CA GLY C 291 -9.54 -8.78 10.86
C GLY C 291 -8.83 -9.06 9.52
N SER C 292 -8.80 -10.33 9.12
CA SER C 292 -8.12 -10.72 7.90
C SER C 292 -8.74 -10.01 6.69
N VAL C 293 -10.07 -9.87 6.69
CA VAL C 293 -10.75 -9.20 5.59
C VAL C 293 -10.35 -7.73 5.53
N GLN C 294 -10.16 -7.10 6.70
CA GLN C 294 -9.74 -5.71 6.72
C GLN C 294 -8.34 -5.55 6.14
N GLU C 295 -7.44 -6.51 6.39
CA GLU C 295 -6.10 -6.46 5.83
C GLU C 295 -6.17 -6.56 4.31
N LEU C 296 -7.06 -7.42 3.77
CA LEU C 296 -7.20 -7.60 2.34
C LEU C 296 -7.84 -6.37 1.71
N TYR C 297 -8.79 -5.75 2.44
CA TYR C 297 -9.57 -4.64 1.90
C TYR C 297 -9.50 -3.45 2.88
N PRO C 298 -8.39 -2.70 2.89
CA PRO C 298 -8.17 -1.66 3.91
C PRO C 298 -9.09 -0.45 3.83
N ASN C 299 -9.53 -0.05 2.64
CA ASN C 299 -10.34 1.16 2.53
C ASN C 299 -11.19 1.13 1.26
N PRO C 300 -12.12 0.16 1.11
CA PRO C 300 -12.93 0.04 -0.10
C PRO C 300 -14.04 1.09 -0.17
N THR C 301 -14.46 1.41 -1.40
CA THR C 301 -15.60 2.26 -1.64
C THR C 301 -16.43 1.63 -2.77
N GLY C 302 -17.56 2.27 -3.11
CA GLY C 302 -18.37 1.87 -4.25
C GLY C 302 -18.93 0.46 -4.11
N ILE C 303 -18.98 -0.26 -5.23
CA ILE C 303 -19.60 -1.58 -5.32
C ILE C 303 -18.80 -2.56 -4.45
N LEU C 304 -17.48 -2.40 -4.41
CA LEU C 304 -16.64 -3.30 -3.64
C LEU C 304 -17.05 -3.19 -2.17
N ARG C 305 -17.20 -1.96 -1.67
CA ARG C 305 -17.57 -1.75 -0.29
CA ARG C 305 -17.58 -1.72 -0.30
C ARG C 305 -18.94 -2.37 -0.02
N ARG C 306 -19.89 -2.13 -0.93
CA ARG C 306 -21.24 -2.61 -0.77
C ARG C 306 -21.24 -4.13 -0.71
N ASN C 307 -20.49 -4.79 -1.61
CA ASN C 307 -20.50 -6.23 -1.67
C ASN C 307 -19.77 -6.83 -0.47
N LEU C 308 -18.74 -6.13 0.04
CA LEU C 308 -18.09 -6.55 1.27
C LEU C 308 -19.08 -6.57 2.41
N ILE C 309 -19.86 -5.50 2.54
CA ILE C 309 -20.78 -5.36 3.65
C ILE C 309 -21.79 -6.50 3.62
N LYS C 310 -22.29 -6.81 2.43
CA LYS C 310 -23.29 -7.84 2.26
C LYS C 310 -22.73 -9.23 2.58
N ASN C 311 -21.58 -9.56 1.99
CA ASN C 311 -20.98 -10.86 2.21
C ASN C 311 -20.61 -11.04 3.67
N LEU C 312 -20.14 -9.97 4.32
CA LEU C 312 -19.80 -10.06 5.72
C LEU C 312 -21.03 -10.40 6.54
N HIS C 313 -22.15 -9.76 6.21
CA HIS C 313 -23.41 -9.97 6.89
C HIS C 313 -23.93 -11.39 6.62
N TYR C 314 -23.89 -11.83 5.36
CA TYR C 314 -24.33 -13.18 5.03
C TYR C 314 -23.52 -14.17 5.84
N TRP C 315 -22.21 -13.95 5.95
CA TRP C 315 -21.36 -14.88 6.66
C TRP C 315 -21.81 -14.94 8.10
N TRP C 316 -22.09 -13.76 8.67
CA TRP C 316 -22.46 -13.68 10.07
C TRP C 316 -23.75 -14.47 10.32
N THR C 317 -24.69 -14.46 9.37
CA THR C 317 -25.96 -15.16 9.59
C THR C 317 -25.66 -16.63 9.89
N GLY C 318 -24.68 -17.21 9.21
CA GLY C 318 -24.29 -18.59 9.44
C GLY C 318 -23.48 -18.75 10.72
N VAL C 319 -22.54 -17.85 10.93
CA VAL C 319 -21.64 -17.91 12.07
C VAL C 319 -22.46 -17.84 13.36
N ASN C 320 -23.49 -17.00 13.35
CA ASN C 320 -24.24 -16.75 14.56
C ASN C 320 -24.89 -18.04 15.07
N VAL C 321 -25.45 -18.81 14.13
CA VAL C 321 -26.06 -20.08 14.47
C VAL C 321 -24.96 -21.12 14.72
N ALA C 322 -24.03 -21.30 13.78
CA ALA C 322 -23.06 -22.39 13.90
C ALA C 322 -22.15 -22.23 15.11
N PHE C 323 -21.82 -21.01 15.51
CA PHE C 323 -20.88 -20.80 16.60
C PHE C 323 -21.59 -20.50 17.91
N GLY C 324 -22.94 -20.55 17.91
CA GLY C 324 -23.70 -20.43 19.13
C GLY C 324 -23.83 -19.00 19.65
N GLY C 325 -23.79 -18.00 18.75
CA GLY C 325 -24.02 -16.59 19.07
C GLY C 325 -22.73 -15.78 19.12
N CYS C 326 -22.55 -14.84 18.17
CA CYS C 326 -21.40 -13.94 18.12
C CYS C 326 -21.96 -12.56 17.82
N ASP C 327 -21.38 -11.51 18.43
CA ASP C 327 -21.78 -10.15 18.10
C ASP C 327 -21.24 -9.79 16.72
N GLU C 328 -22.14 -9.30 15.88
CA GLU C 328 -21.77 -8.91 14.53
C GLU C 328 -20.84 -7.70 14.57
N LEU C 329 -19.81 -7.71 13.74
CA LEU C 329 -18.93 -6.59 13.52
C LEU C 329 -19.27 -5.89 12.21
N PHE C 330 -19.02 -4.58 12.16
CA PHE C 330 -19.36 -3.74 11.02
C PHE C 330 -18.16 -2.92 10.58
N PRO C 331 -17.08 -3.56 10.08
CA PRO C 331 -15.85 -2.82 9.79
C PRO C 331 -16.04 -1.76 8.71
N TYR C 332 -17.11 -1.88 7.90
CA TYR C 332 -17.35 -0.93 6.84
C TYR C 332 -18.68 -0.21 7.06
N GLY C 333 -19.21 -0.30 8.28
CA GLY C 333 -20.51 0.29 8.58
C GLY C 333 -21.64 -0.42 7.83
N GLN C 334 -22.69 0.33 7.48
CA GLN C 334 -23.94 -0.23 6.96
C GLN C 334 -24.15 0.30 5.55
N LEU C 335 -25.09 -0.33 4.82
CA LEU C 335 -25.38 0.00 3.43
C LEU C 335 -25.96 1.42 3.30
C1 NAG D . 2.54 4.51 17.62
C2 NAG D . 3.75 3.92 18.34
C3 NAG D . 3.35 2.81 19.33
C4 NAG D . 2.04 3.08 20.08
C5 NAG D . 0.98 3.57 19.09
C6 NAG D . -0.37 3.86 19.71
C7 NAG D . 5.95 3.80 17.28
C8 NAG D . 6.91 2.86 16.59
N2 NAG D . 4.66 3.43 17.33
O3 NAG D . 4.40 2.62 20.26
O4 NAG D . 1.50 1.90 20.66
O5 NAG D . 1.49 4.81 18.54
O6 NAG D . -0.29 4.84 20.78
O7 NAG D . 6.33 4.84 17.80
C1 NAG D . 0.99 1.89 21.96
C2 NAG D . -0.04 0.78 22.18
C3 NAG D . -0.44 0.73 23.65
C4 NAG D . 0.80 0.57 24.53
C5 NAG D . 1.79 1.69 24.20
C6 NAG D . 3.09 1.57 24.97
C7 NAG D . -1.50 0.15 20.32
C8 NAG D . -2.78 0.43 19.60
N2 NAG D . -1.28 0.86 21.44
O3 NAG D . -1.38 -0.34 23.76
O4 NAG D . 0.50 0.70 25.92
O5 NAG D . 2.12 1.67 22.81
O6 NAG D . 3.83 0.44 24.55
O7 NAG D . -0.67 -0.66 19.91
C1 BMA D . 0.44 -0.43 26.73
C2 BMA D . 0.73 0.02 28.15
C3 BMA D . 0.55 -1.14 29.14
C4 BMA D . -0.74 -1.93 28.90
C5 BMA D . -1.05 -2.17 27.41
C6 BMA D . -2.47 -2.61 27.16
O2 BMA D . -0.06 1.16 28.46
O3 BMA D . 0.56 -0.62 30.47
O4 BMA D . -0.62 -3.21 29.53
O5 BMA D . -0.87 -0.97 26.65
O6 BMA D . -2.60 -3.06 25.81
C1 MAN D . 1.62 -0.94 31.33
C2 MAN D . 0.95 -1.19 32.68
C3 MAN D . 0.44 0.16 33.30
C4 MAN D . 1.55 1.21 33.31
C5 MAN D . 2.11 1.38 31.89
C6 MAN D . 3.24 2.39 31.79
O2 MAN D . 1.83 -1.97 33.49
O3 MAN D . -0.07 -0.03 34.62
O4 MAN D . 1.04 2.46 33.80
O5 MAN D . 2.63 0.10 31.42
O6 MAN D . 4.30 2.18 32.72
C1 MAN D . -3.73 -3.84 25.49
C2 MAN D . -3.41 -4.55 24.18
C3 MAN D . -3.34 -3.56 23.01
C4 MAN D . -4.64 -2.80 22.94
C5 MAN D . -4.91 -2.06 24.27
C6 MAN D . -6.27 -1.36 24.27
O2 MAN D . -4.38 -5.57 23.94
O3 MAN D . -3.05 -4.22 21.78
O4 MAN D . -4.57 -1.87 21.87
O5 MAN D . -4.90 -3.00 25.39
O6 MAN D . -6.75 -1.12 25.60
C1 NAG E . -20.51 10.60 7.15
C2 NAG E . -21.85 11.32 7.21
C3 NAG E . -22.96 10.34 7.56
C4 NAG E . -22.94 9.16 6.59
C5 NAG E . -21.55 8.53 6.59
C6 NAG E . -21.41 7.39 5.60
C7 NAG E . -21.95 13.69 7.78
C8 NAG E . -21.96 14.71 8.87
N2 NAG E . -21.82 12.41 8.16
O3 NAG E . -24.17 11.05 7.47
O4 NAG E . -23.95 8.24 7.00
O5 NAG E . -20.57 9.52 6.23
O6 NAG E . -21.73 7.82 4.27
O7 NAG E . -22.06 13.99 6.61
C1 NAG E . -25.16 8.37 6.33
C2 NAG E . -25.75 7.00 6.04
C3 NAG E . -27.20 7.09 5.57
C4 NAG E . -28.01 8.00 6.47
C5 NAG E . -27.32 9.34 6.70
C6 NAG E . -28.02 10.16 7.75
C7 NAG E . -24.26 5.22 5.38
C8 NAG E . -23.56 4.53 4.24
N2 NAG E . -25.00 6.27 5.04
O3 NAG E . -27.74 5.78 5.60
O4 NAG E . -29.30 8.18 5.88
O5 NAG E . -25.99 9.12 7.20
O6 NAG E . -27.48 11.45 7.82
O7 NAG E . -24.12 4.87 6.55
C1 BMA E . -30.30 7.98 6.84
C2 BMA E . -31.59 8.53 6.29
C3 BMA E . -32.70 8.35 7.33
C4 BMA E . -32.76 6.91 7.86
C5 BMA E . -31.38 6.45 8.32
C6 BMA E . -31.34 4.99 8.75
O2 BMA E . -31.89 7.96 5.02
O3 BMA E . -33.94 8.73 6.74
O4 BMA E . -33.68 6.83 8.95
O5 BMA E . -30.46 6.61 7.22
O6 BMA E . -31.85 4.16 7.69
C1 MAN E . -32.26 2.86 8.00
C2 MAN E . -32.11 2.08 6.69
C3 MAN E . -33.18 2.49 5.66
C4 MAN E . -34.58 2.62 6.24
C5 MAN E . -34.56 3.44 7.53
C6 MAN E . -35.92 3.54 8.22
O2 MAN E . -32.07 0.68 6.94
O3 MAN E . -33.18 1.52 4.62
O4 MAN E . -35.42 3.28 5.28
O5 MAN E . -33.62 2.82 8.45
O6 MAN E . -36.66 2.29 8.19
C1 MAN E . -33.30 2.02 3.32
C2 MAN E . -33.92 0.92 2.51
C3 MAN E . -33.02 -0.32 2.53
C4 MAN E . -31.61 0.02 2.04
C5 MAN E . -31.07 1.29 2.73
C6 MAN E . -29.83 1.83 2.05
O2 MAN E . -34.13 1.40 1.19
O3 MAN E . -33.61 -1.35 1.71
O4 MAN E . -30.72 -1.06 2.34
O5 MAN E . -32.05 2.37 2.72
O6 MAN E . -28.94 2.43 3.00
C1 MAN E . -37.95 2.34 8.75
C2 MAN E . -37.83 2.04 10.26
C3 MAN E . -37.52 0.57 10.54
C4 MAN E . -38.51 -0.32 9.81
C5 MAN E . -38.44 -0.01 8.31
C6 MAN E . -39.36 -0.87 7.46
O2 MAN E . -39.01 2.47 10.93
O3 MAN E . -37.55 0.32 11.95
O4 MAN E . -38.20 -1.69 10.03
O5 MAN E . -38.80 1.38 8.08
O6 MAN E . -38.79 -1.04 6.15
C1 MAN E . -34.26 10.08 6.87
C2 MAN E . -35.75 10.11 7.17
C3 MAN E . -36.62 9.87 5.90
C4 MAN E . -36.10 10.60 4.67
C5 MAN E . -34.59 10.42 4.49
C6 MAN E . -34.05 11.26 3.33
O2 MAN E . -36.09 11.33 7.84
O3 MAN E . -37.97 10.26 6.21
O4 MAN E . -36.73 10.08 3.48
O5 MAN E . -33.92 10.85 5.69
O6 MAN E . -33.38 12.43 3.79
C1 NAG F . 22.17 20.95 -15.54
C2 NAG F . 23.65 21.01 -15.24
C3 NAG F . 24.11 22.38 -15.73
C4 NAG F . 24.07 22.35 -17.25
C5 NAG F . 22.67 21.94 -17.74
C6 NAG F . 22.65 21.48 -19.19
C7 NAG F . 23.56 21.14 -12.81
C8 NAG F . 24.13 20.60 -11.54
N2 NAG F . 24.11 20.67 -13.92
O3 NAG F . 25.41 22.69 -15.27
O4 NAG F . 24.45 23.64 -17.72
O5 NAG F . 22.11 20.84 -16.97
O6 NAG F . 23.70 20.56 -19.53
O7 NAG F . 22.65 21.97 -12.86
C1 NAG F . 25.43 23.61 -18.70
C2 NAG F . 25.31 24.80 -19.64
C3 NAG F . 26.40 24.72 -20.70
C4 NAG F . 27.78 24.55 -20.05
C5 NAG F . 27.76 23.36 -19.10
C6 NAG F . 29.06 23.13 -18.36
C7 NAG F . 23.00 25.69 -19.72
C8 NAG F . 21.64 25.56 -20.35
N2 NAG F . 23.97 24.89 -20.21
O3 NAG F . 26.33 25.88 -21.51
O4 NAG F . 28.80 24.33 -21.03
O5 NAG F . 26.72 23.58 -18.13
O6 NAG F . 29.26 24.07 -17.30
O7 NAG F . 23.21 26.46 -18.79
C1 BMA F . 29.55 25.42 -21.46
C2 BMA F . 30.78 24.92 -22.22
C3 BMA F . 31.54 26.10 -22.83
C4 BMA F . 30.63 27.04 -23.60
C5 BMA F . 29.46 27.49 -22.72
C6 BMA F . 28.45 28.32 -23.48
O2 BMA F . 30.45 23.94 -23.20
O3 BMA F . 32.57 25.60 -23.71
O4 BMA F . 31.39 28.17 -24.05
O5 BMA F . 28.76 26.32 -22.24
O6 BMA F . 27.65 29.13 -22.59
C1 MAN F . 33.86 25.74 -23.19
C2 MAN F . 34.87 25.74 -24.35
C3 MAN F . 34.91 24.37 -25.07
C4 MAN F . 35.27 23.27 -24.07
C5 MAN F . 34.30 23.32 -22.84
C6 MAN F . 34.77 22.42 -21.73
O2 MAN F . 36.16 26.14 -23.86
O3 MAN F . 35.86 24.38 -26.14
O4 MAN F . 35.22 21.96 -24.73
O5 MAN F . 34.19 24.69 -22.27
O6 MAN F . 35.19 21.16 -22.29
C1 MAN F . 26.75 29.97 -23.28
C2 MAN F . 26.13 30.93 -22.25
C3 MAN F . 25.23 30.22 -21.27
C4 MAN F . 24.10 29.52 -22.05
C5 MAN F . 24.76 28.52 -23.07
C6 MAN F . 23.76 27.80 -23.97
O2 MAN F . 25.36 31.93 -22.92
O3 MAN F . 24.69 31.14 -20.31
O4 MAN F . 23.20 28.91 -21.09
O5 MAN F . 25.72 29.22 -23.96
O6 MAN F . 23.06 26.73 -23.26
C1 NAG G . 0.64 19.08 -29.44
C2 NAG G . -0.21 18.54 -30.59
C3 NAG G . -0.39 19.64 -31.62
C4 NAG G . -1.03 20.85 -30.96
C5 NAG G . -0.16 21.34 -29.81
C6 NAG G . -0.83 22.48 -29.05
C7 NAG G . -0.24 16.14 -31.16
C8 NAG G . 0.36 15.07 -32.04
N2 NAG G . 0.34 17.35 -31.23
O3 NAG G . -1.19 19.10 -32.66
O4 NAG G . -1.12 21.92 -31.88
O5 NAG G . 0.05 20.25 -28.89
O6 NAG G . -2.08 22.08 -28.50
O7 NAG G . -1.19 15.90 -30.44
C1 NAG G . -2.34 22.03 -32.52
C2 NAG G . -2.64 23.49 -32.79
C3 NAG G . -3.84 23.65 -33.73
C4 NAG G . -3.71 22.70 -34.91
C5 NAG G . -3.54 21.27 -34.39
C6 NAG G . -3.53 20.18 -35.44
C7 NAG G . -2.19 25.07 -31.01
C8 NAG G . -2.70 25.71 -29.75
N2 NAG G . -2.98 24.14 -31.56
O3 NAG G . -3.91 25.00 -34.16
O4 NAG G . -4.88 22.83 -35.71
O5 NAG G . -2.27 21.28 -33.73
O6 NAG G . -2.33 20.20 -36.18
O7 NAG G . -1.11 25.36 -31.50
C1 BMA G . -4.57 23.07 -37.05
C2 BMA G . -5.83 22.75 -37.85
C3 BMA G . -5.52 22.98 -39.32
C4 BMA G . -5.10 24.44 -39.50
C5 BMA G . -3.85 24.70 -38.66
C6 BMA G . -3.31 26.12 -38.73
O2 BMA G . -6.93 23.48 -37.30
O3 BMA G . -6.58 22.54 -40.19
O4 BMA G . -4.79 24.73 -40.87
O5 BMA G . -4.17 24.42 -37.29
O6 BMA G . -4.35 27.13 -38.62
C1 MAN G . -3.88 28.47 -38.56
C2 MAN G . -4.89 29.26 -37.75
C3 MAN G . -6.28 29.22 -38.41
C4 MAN G . -6.22 29.56 -39.90
C5 MAN G . -4.97 29.03 -40.65
C6 MAN G . -4.65 29.84 -41.88
O2 MAN G . -4.44 30.60 -37.61
O3 MAN G . -7.13 30.15 -37.73
O4 MAN G . -7.38 29.01 -40.52
O5 MAN G . -3.76 29.06 -39.84
O6 MAN G . -5.62 29.64 -42.93
C1 MAN G . -8.29 29.65 -37.14
C2 MAN G . -9.18 30.84 -36.90
C3 MAN G . -8.57 31.78 -35.86
C4 MAN G . -8.31 31.02 -34.57
C5 MAN G . -7.44 29.77 -34.85
C6 MAN G . -7.28 28.88 -33.63
O2 MAN G . -10.46 30.40 -36.49
O3 MAN G . -9.45 32.88 -35.63
O4 MAN G . -7.65 31.87 -33.64
O5 MAN G . -8.06 28.96 -35.90
O6 MAN G . -6.12 28.05 -33.75
C1 MAN G . -7.93 22.89 -40.06
C2 MAN G . -8.74 21.97 -39.10
C3 MAN G . -9.25 20.66 -39.73
C4 MAN G . -9.81 20.89 -41.13
C5 MAN G . -8.76 21.61 -41.97
C6 MAN G . -9.18 21.85 -43.40
O2 MAN G . -9.87 22.69 -38.59
O3 MAN G . -10.26 20.10 -38.88
O4 MAN G . -10.15 19.65 -41.74
O5 MAN G . -8.51 22.91 -41.38
O6 MAN G . -8.15 21.48 -44.31
C1 NAG H . 2.90 -36.33 -0.23
C2 NAG H . 4.09 -35.50 -0.70
C3 NAG H . 5.36 -36.20 -0.28
C4 NAG H . 5.36 -36.29 1.24
C5 NAG H . 4.13 -37.05 1.73
C6 NAG H . 4.01 -37.05 3.24
C7 NAG H . 4.29 -35.76 -3.22
C8 NAG H . 4.29 -37.26 -3.13
N2 NAG H . 4.12 -35.07 -2.09
O3 NAG H . 6.51 -35.50 -0.74
O4 NAG H . 6.53 -36.98 1.64
O5 NAG H . 2.93 -36.44 1.20
O6 NAG H . 4.01 -35.72 3.78
O7 NAG H . 4.40 -35.18 -4.29
C1 NAG H . 7.28 -36.23 2.52
C2 NAG H . 8.14 -37.05 3.48
C3 NAG H . 8.85 -36.05 4.40
C4 NAG H . 9.65 -35.04 3.56
C5 NAG H . 8.75 -34.36 2.55
C6 NAG H . 9.51 -33.42 1.63
C7 NAG H . 6.99 -39.25 3.66
C8 NAG H . 6.14 -40.12 4.53
N2 NAG H . 7.43 -38.09 4.21
O3 NAG H . 9.68 -36.72 5.34
O4 NAG H . 10.17 -33.97 4.38
O5 NAG H . 8.11 -35.36 1.73
O6 NAG H . 10.52 -34.13 0.93
O7 NAG H . 7.25 -39.58 2.49
C1 BMA H . 11.45 -34.21 4.87
C2 BMA H . 12.11 -32.89 5.31
C3 BMA H . 13.53 -33.15 5.92
C4 BMA H . 13.44 -34.20 7.01
C5 BMA H . 12.73 -35.48 6.52
C6 BMA H . 12.54 -36.47 7.65
O2 BMA H . 11.29 -32.23 6.26
O3 BMA H . 14.10 -31.98 6.54
O4 BMA H . 14.77 -34.48 7.49
O5 BMA H . 11.39 -35.11 5.98
O6 BMA H . 12.05 -35.81 8.84
C1 MAN H . 15.15 -31.25 5.96
C2 MAN H . 16.01 -31.02 7.20
C3 MAN H . 15.14 -30.25 8.24
C4 MAN H . 14.64 -28.93 7.61
C5 MAN H . 13.84 -29.23 6.33
C6 MAN H . 13.37 -27.99 5.58
O2 MAN H . 17.26 -30.40 6.84
O3 MAN H . 15.90 -30.05 9.43
O4 MAN H . 13.80 -28.18 8.51
O5 MAN H . 14.71 -30.01 5.40
O6 MAN H . 14.45 -27.16 5.17
C1 NAG I . -14.31 -48.58 13.99
C2 NAG I . -15.14 -48.62 15.27
C3 NAG I . -14.41 -49.46 16.32
C4 NAG I . -14.04 -50.82 15.74
C5 NAG I . -13.22 -50.61 14.48
C6 NAG I . -12.76 -51.88 13.80
C7 NAG I . -16.58 -46.78 16.06
C8 NAG I . -16.68 -46.04 17.37
N2 NAG I . -15.38 -47.27 15.75
O3 NAG I . -15.27 -49.58 17.46
O4 NAG I . -13.27 -51.57 16.66
O5 NAG I . -14.06 -49.90 13.54
O6 NAG I . -13.82 -52.48 13.06
O7 NAG I . -17.56 -46.91 15.33
C1 NAG I . -13.91 -52.70 17.17
C2 NAG I . -12.88 -53.78 17.55
C3 NAG I . -13.32 -54.66 18.72
C4 NAG I . -14.18 -53.94 19.75
C5 NAG I . -15.32 -53.28 19.01
C6 NAG I . -16.39 -52.71 19.91
C7 NAG I . -11.44 -54.86 15.81
C8 NAG I . -11.44 -55.80 14.63
N2 NAG I . -12.63 -54.64 16.41
O3 NAG I . -12.12 -55.15 19.30
O4 NAG I . -14.74 -54.84 20.73
O5 NAG I . -14.69 -52.22 18.26
O6 NAG I . -16.78 -51.39 19.53
O7 NAG I . -10.40 -54.31 16.19
C1 BMA I . -13.97 -55.74 21.45
C2 BMA I . -14.06 -55.49 22.94
C3 BMA I . -13.23 -56.50 23.72
C4 BMA I . -13.53 -57.94 23.30
C5 BMA I . -13.50 -58.09 21.76
C6 BMA I . -13.99 -59.44 21.26
O2 BMA I . -15.42 -55.51 23.39
O3 BMA I . -13.52 -56.32 25.11
O4 BMA I . -12.57 -58.83 23.88
O5 BMA I . -14.36 -57.10 21.15
O6 BMA I . -13.28 -60.52 21.86
CHA HEM J . -2.13 19.87 15.47
CHB HEM J . -0.16 24.27 16.11
CHC HEM J . -2.47 25.84 12.13
CHD HEM J . -4.20 21.43 11.40
C1A HEM J . -1.39 20.94 15.96
C2A HEM J . -0.54 20.86 17.08
C3A HEM J . 0.02 22.09 17.26
C4A HEM J . -0.48 22.95 16.27
CMA HEM J . 1.00 22.47 18.36
CAA HEM J . -0.26 19.64 17.90
CBA HEM J . -1.49 19.28 18.67
CGA HEM J . -1.21 18.44 19.91
O1A HEM J . -1.84 18.84 20.93
O2A HEM J . -0.48 17.38 19.96
C1B HEM J . -0.68 25.05 15.07
C2B HEM J . -0.39 26.44 14.98
C3B HEM J . -0.99 26.90 13.86
C4B HEM J . -1.72 25.76 13.29
CMB HEM J . 0.52 27.28 15.88
CAB HEM J . -0.98 28.33 13.48
CBB HEM J . -2.01 28.87 12.87
C1C HEM J . -3.15 24.79 11.55
C2C HEM J . -3.83 24.83 10.33
C3C HEM J . -4.34 23.54 10.16
C4C HEM J . -3.90 22.74 11.24
CMC HEM J . -4.04 26.05 9.42
CAC HEM J . -5.08 22.95 9.04
CBC HEM J . -4.77 23.37 7.81
C1D HEM J . -3.77 20.66 12.49
C2D HEM J . -4.26 19.29 12.72
C3D HEM J . -3.66 18.87 13.82
C4D HEM J . -2.87 19.99 14.31
CMD HEM J . -5.20 18.46 11.84
CAD HEM J . -3.82 17.53 14.49
CBD HEM J . -2.73 16.50 14.14
CGD HEM J . -3.04 15.13 14.75
O1D HEM J . -2.71 14.07 14.13
O2D HEM J . -3.66 15.02 15.86
NA HEM J . -1.30 22.22 15.46
NB HEM J . -1.45 24.68 14.06
NC HEM J . -3.20 23.53 12.09
ND HEM J . -2.94 21.04 13.48
FE HEM J . -2.09 22.75 13.71
N1 EPE K . 12.67 31.07 2.71
C2 EPE K . 13.74 30.65 3.64
C3 EPE K . 14.51 29.47 3.11
N4 EPE K . 13.64 28.34 2.76
C5 EPE K . 12.59 28.78 1.84
C6 EPE K . 11.80 29.91 2.45
C7 EPE K . 14.47 27.30 2.13
C8 EPE K . 14.56 27.28 0.58
O8 EPE K . 14.86 25.96 0.11
C9 EPE K . 11.89 32.22 3.27
C10 EPE K . 12.78 33.30 3.92
S EPE K . 12.05 34.08 5.35
O1S EPE K . 12.52 33.31 6.48
O2S EPE K . 10.64 34.10 5.03
O3S EPE K . 12.58 35.61 5.43
N1 EPE L . -14.93 32.74 31.95
C2 EPE L . -14.48 31.85 30.88
C3 EPE L . -15.62 31.54 29.95
N4 EPE L . -16.13 32.70 29.19
C5 EPE L . -15.64 33.91 29.84
C6 EPE L . -15.79 33.80 31.35
C7 EPE L . -15.80 32.61 27.75
C8 EPE L . -16.41 31.43 26.95
O8 EPE L . -17.81 31.35 27.08
C9 EPE L . -15.61 31.98 33.06
C10 EPE L . -15.50 32.63 34.46
S EPE L . -15.21 31.45 35.76
O1S EPE L . -13.97 30.77 35.45
O2S EPE L . -16.46 30.76 35.94
O3S EPE L . -14.85 32.15 37.12
C1 GOL M . 20.64 20.33 0.88
O1 GOL M . 19.68 19.88 -0.09
C2 GOL M . 21.18 19.18 1.72
O2 GOL M . 21.41 19.63 3.06
C3 GOL M . 20.29 17.94 1.77
O3 GOL M . 20.50 17.20 2.98
C1 A1IUA N . -4.38 24.59 16.46
C2 A1IUA N . -5.83 24.88 17.07
C3 A1IUA N . -6.27 26.05 17.59
C4 A1IUA N . -7.74 26.17 18.11
O5 A1IUA N . -8.53 25.22 18.08
C6 A1IUA N . -8.18 27.58 18.54
C7 A1IUA N . -8.28 27.77 20.04
C8 A1IUA N . -9.45 27.95 20.65
C9 A1IUA N . -10.74 28.29 19.95
C10 A1IUA N . -10.73 27.69 18.55
C11 A1IUA N . -9.46 28.07 17.76
C12 A1IUA N . -9.38 29.60 17.60
C13 A1IUA N . -9.53 27.42 16.37
C14 A1IUA N . -6.98 27.82 20.78
MG MG O . 0.02 15.41 20.59
S SO4 P . -12.84 0.56 19.31
O1 SO4 P . -13.93 1.56 19.40
O2 SO4 P . -13.35 -0.80 19.47
O3 SO4 P . -12.14 0.60 18.01
O4 SO4 P . -11.90 0.88 20.39
S SO4 Q . 11.37 27.90 -2.89
O1 SO4 Q . 10.75 28.24 -1.57
O2 SO4 Q . 10.41 27.09 -3.70
O3 SO4 Q . 11.74 29.12 -3.65
O4 SO4 Q . 12.64 27.13 -2.65
S SO4 R . -18.56 25.46 16.64
O1 SO4 R . -19.49 26.01 17.65
O2 SO4 R . -17.56 26.48 16.30
O3 SO4 R . -19.33 25.03 15.43
O4 SO4 R . -17.86 24.33 17.24
S SO4 S . -2.62 43.28 6.47
O1 SO4 S . -2.84 43.68 7.88
O2 SO4 S . -3.45 42.14 6.10
O3 SO4 S . -3.00 44.44 5.66
O4 SO4 S . -1.19 42.93 6.23
CHA HEM T . 15.80 6.59 -19.03
CHB HEM T . 16.77 1.99 -17.99
CHC HEM T . 12.00 1.10 -17.91
CHD HEM T . 11.09 5.70 -18.73
C1A HEM T . 16.43 5.42 -18.72
C2A HEM T . 17.83 5.31 -18.64
C3A HEM T . 18.10 4.03 -18.33
C4A HEM T . 16.88 3.34 -18.27
CMA HEM T . 19.48 3.47 -18.15
CAA HEM T . 18.86 6.39 -18.79
CBA HEM T . 19.03 6.66 -20.25
CGA HEM T . 20.25 7.52 -20.55
O1A HEM T . 20.89 7.13 -21.58
O2A HEM T . 20.64 8.58 -19.93
C1B HEM T . 15.54 1.35 -17.93
C2B HEM T . 15.42 -0.05 -17.72
C3B HEM T . 14.09 -0.33 -17.65
C4B HEM T . 13.37 0.94 -17.91
CMB HEM T . 16.54 -1.06 -17.46
CAB HEM T . 13.60 -1.70 -17.49
CBB HEM T . 12.44 -2.08 -17.99
C1C HEM T . 11.31 2.26 -18.08
C2C HEM T . 9.90 2.43 -18.00
C3C HEM T . 9.67 3.77 -18.28
C4C HEM T . 10.94 4.39 -18.46
CMC HEM T . 8.88 1.33 -17.76
CAC HEM T . 8.45 4.54 -18.27
CBC HEM T . 7.41 4.13 -17.57
C1D HEM T . 12.32 6.29 -18.92
C2D HEM T . 12.46 7.69 -19.31
C3D HEM T . 13.75 7.93 -19.39
C4D HEM T . 14.41 6.69 -19.06
CMD HEM T . 11.36 8.67 -19.57
CAD HEM T . 14.37 9.24 -19.76
CBD HEM T . 14.76 10.11 -18.56
CGD HEM T . 15.26 11.45 -19.05
O1D HEM T . 15.96 11.54 -20.09
O2D HEM T . 15.00 12.47 -18.41
NA HEM T . 15.86 4.20 -18.50
NB HEM T . 14.32 1.89 -18.01
NC HEM T . 11.92 3.44 -18.34
ND HEM T . 13.52 5.73 -18.77
FE HEM T . 13.90 3.91 -18.28
C1 GOL U . 13.05 -3.11 -0.33
O1 GOL U . 14.06 -2.63 0.55
C2 GOL U . 11.79 -3.55 0.39
O2 GOL U . 11.10 -2.38 0.83
C3 GOL U . 10.83 -4.39 -0.43
O3 GOL U . 9.88 -3.58 -1.16
C1 A1IUA V . 14.87 2.22 -22.09
C2 A1IUA V . 14.59 2.16 -23.63
C3 A1IUA V . 14.43 1.05 -24.34
C4 A1IUA V . 14.16 1.11 -26.03
O5 A1IUA V . 14.03 2.15 -26.68
C6 A1IUA V . 14.08 -0.29 -26.62
C7 A1IUA V . 14.96 -0.44 -27.83
C8 A1IUA V . 14.47 -0.43 -29.06
C9 A1IUA V . 13.09 -0.86 -29.42
C10 A1IUA V . 12.46 -1.55 -28.20
C11 A1IUA V . 12.65 -0.90 -26.82
C12 A1IUA V . 12.46 -1.98 -25.73
C13 A1IUA V . 11.59 0.19 -26.59
C14 A1IUA V . 16.41 -0.67 -27.49
MG MG W . 21.67 10.24 -19.79
S SO4 X . 16.05 26.99 -28.85
O1 SO4 X . 15.34 27.59 -27.73
O2 SO4 X . 15.40 25.79 -29.36
O3 SO4 X . 16.14 27.94 -29.95
O4 SO4 X . 17.38 26.61 -28.37
S SO4 Y . 6.34 -1.89 1.33
O1 SO4 Y . 5.18 -0.98 1.54
O2 SO4 Y . 5.97 -3.30 1.65
O3 SO4 Y . 6.77 -1.84 -0.10
O4 SO4 Y . 7.48 -1.46 2.20
S SO4 Z . 24.31 -4.74 -41.88
O1 SO4 Z . 23.48 -4.11 -40.84
O2 SO4 Z . 23.61 -5.90 -42.45
O3 SO4 Z . 24.60 -3.79 -42.97
O4 SO4 Z . 25.58 -5.18 -41.25
S SO4 AA . 4.24 -15.85 -16.53
O1 SO4 AA . 4.35 -14.38 -16.52
O2 SO4 AA . 3.47 -16.28 -15.34
O3 SO4 AA . 3.54 -16.30 -17.76
O4 SO4 AA . 5.58 -16.45 -16.49
S SO4 BA . 12.91 11.70 -0.62
O1 SO4 BA . 11.75 12.36 -0.03
O2 SO4 BA . 12.49 10.84 -1.76
O3 SO4 BA . 13.86 12.72 -1.09
O4 SO4 BA . 13.55 10.89 0.42
CHA HEM CA . -11.04 -29.69 2.67
CHB HEM CA . -13.35 -25.65 1.41
CHC HEM CA . -17.57 -28.03 1.60
CHD HEM CA . -15.21 -32.11 2.52
C1A HEM CA . -11.32 -28.40 2.32
C2A HEM CA . -10.34 -27.41 2.12
C3A HEM CA . -10.99 -26.27 1.77
C4A HEM CA . -12.36 -26.56 1.74
CMA HEM CA . -10.35 -24.96 1.44
CAA HEM CA . -8.86 -27.57 2.24
CBA HEM CA . -8.42 -27.81 3.67
CGA HEM CA . -6.92 -27.59 3.95
O1A HEM CA . -5.95 -28.22 3.38
O2A HEM CA . -6.65 -26.74 4.82
C1B HEM CA . -14.72 -25.97 1.40
C2B HEM CA . -15.71 -24.99 1.16
C3B HEM CA . -16.90 -25.64 1.20
C4B HEM CA . -16.60 -27.05 1.51
CMB HEM CA . -15.52 -23.53 0.84
CAB HEM CA . -18.21 -24.98 1.05
CBB HEM CA . -19.32 -25.49 1.55
C1C HEM CA . -17.32 -29.38 1.82
C2C HEM CA . -18.28 -30.41 1.82
C3C HEM CA . -17.57 -31.56 2.12
C4C HEM CA . -16.21 -31.22 2.25
CMC HEM CA . -19.76 -30.24 1.58
CAC HEM CA . -18.03 -32.96 2.17
CBC HEM CA . -19.17 -33.32 1.63
C1D HEM CA . -13.88 -31.72 2.65
C2D HEM CA . -12.86 -32.69 3.10
C3D HEM CA . -11.72 -32.03 3.13
C4D HEM CA . -12.04 -30.65 2.72
CMD HEM CA . -13.03 -34.15 3.42
CAD HEM CA . -10.38 -32.59 3.53
CBD HEM CA . -9.52 -33.05 2.35
CGD HEM CA . -8.25 -33.63 2.98
O1D HEM CA . -7.63 -34.45 2.26
O2D HEM CA . -7.82 -33.34 4.14
NA HEM CA . -12.56 -27.87 2.05
NB HEM CA . -15.28 -27.18 1.58
NC HEM CA . -16.09 -29.88 2.07
ND HEM CA . -13.34 -30.52 2.46
FE HEM CA . -14.22 -28.95 1.92
C1 A1IUA DA . -14.81 -26.97 5.43
C2 A1IUA DA . -15.33 -26.54 6.79
C3 A1IUA DA . -14.96 -27.08 7.95
C4 A1IUA DA . -15.56 -26.59 9.40
O5 A1IUA DA . -15.18 -27.06 10.47
C6 A1IUA DA . -16.65 -25.50 9.35
C7 A1IUA DA . -16.07 -24.24 9.92
C8 A1IUA DA . -16.22 -23.92 11.19
C9 A1IUA DA . -17.27 -24.53 12.11
C10 A1IUA DA . -17.86 -25.83 11.55
C11 A1IUA DA . -18.01 -25.89 10.02
C12 A1IUA DA . -19.09 -24.87 9.59
C13 A1IUA DA . -18.46 -27.29 9.58
C14 A1IUA DA . -15.29 -23.37 8.96
N1 EPE EA . -14.73 -15.17 23.68
C2 EPE EA . -14.14 -15.74 24.92
C3 EPE EA . -13.25 -14.75 25.65
N4 EPE EA . -12.04 -14.41 24.85
C5 EPE EA . -12.40 -14.41 23.41
C6 EPE EA . -13.86 -14.06 23.21
C7 EPE EA . -11.51 -13.09 25.25
C8 EPE EA . -10.36 -12.57 24.40
O8 EPE EA . -9.94 -11.28 24.80
C9 EPE EA . -14.94 -16.23 22.62
C10 EPE EA . -15.72 -17.40 23.18
S EPE EA . -17.20 -17.74 22.25
O1S EPE EA . -16.76 -18.21 20.96
O2S EPE EA . -18.01 -16.52 22.36
O3S EPE EA . -17.87 -18.96 23.05
N1 EPE FA . -34.42 -45.57 -4.89
C2 EPE FA . -33.18 -46.23 -5.39
C3 EPE FA . -32.95 -47.55 -4.66
N4 EPE FA . -32.72 -47.31 -3.22
C5 EPE FA . -33.10 -45.92 -2.83
C6 EPE FA . -34.44 -45.54 -3.41
C7 EPE FA . -33.43 -48.28 -2.37
C8 EPE FA . -32.60 -49.52 -2.07
O8 EPE FA . -31.92 -49.36 -0.85
C9 EPE FA . -34.64 -44.22 -5.51
C10 EPE FA . -33.45 -43.27 -5.42
S EPE FA . -33.96 -41.67 -4.84
O1S EPE FA . -32.80 -40.82 -4.85
O2S EPE FA . -34.68 -41.92 -3.59
O3S EPE FA . -34.81 -41.09 -6.07
N1 EPE GA . -21.90 -27.21 -17.11
C2 EPE GA . -21.73 -26.95 -15.66
C3 EPE GA . -22.59 -25.78 -15.25
N4 EPE GA . -22.17 -24.54 -15.97
C5 EPE GA . -22.29 -24.80 -17.43
C6 EPE GA . -21.48 -26.01 -17.84
C7 EPE GA . -22.97 -23.38 -15.52
C8 EPE GA . -22.21 -22.02 -15.47
O8 EPE GA . -22.67 -21.13 -14.44
C9 EPE GA . -21.11 -28.39 -17.57
C10 EPE GA . -21.83 -29.27 -18.59
S EPE GA . -23.40 -29.70 -17.87
O1S EPE GA . -23.88 -30.86 -18.58
O2S EPE GA . -24.16 -28.46 -17.89
O3S EPE GA . -23.08 -30.03 -16.33
C1 GOL HA . -30.43 -21.56 9.14
O1 GOL HA . -31.22 -21.89 7.98
C2 GOL HA . -30.89 -20.31 9.92
O2 GOL HA . -31.14 -20.64 11.29
C3 GOL HA . -29.97 -19.11 9.84
O3 GOL HA . -30.65 -17.87 9.57
MG MG IA . -4.12 -28.59 3.00
#